data_9JEC
#
_entry.id   9JEC
#
_cell.length_a   1.00
_cell.length_b   1.00
_cell.length_c   1.00
_cell.angle_alpha   90.00
_cell.angle_beta   90.00
_cell.angle_gamma   90.00
#
_symmetry.space_group_name_H-M   'P 1'
#
loop_
_entity.id
_entity.type
_entity.pdbx_description
1 polymer 'Tumor necrosis factor'
2 polymer 'nanobody TNF30K'
#
loop_
_entity_poly.entity_id
_entity_poly.type
_entity_poly.pdbx_seq_one_letter_code
_entity_poly.pdbx_strand_id
1 'polypeptide(L)'
;MKKLLIAAGSVKSSSRTPSDKPVAHVVANPEAEGQLQWLSRRANALLANGVELTDNQLIVPSDGLYLIYSQVLFKGQGCP
STHVLLTHTISRFAVSYQTKVNLLSAIKSPCQRETPEGTEAKPWYEPIYLGGVFQLEKGDRLSAEINLPNYLDFAESGQV
YFGIIALHHHHHH
;
A,B,C
2 'polypeptide(L)'
;MKKLLIAAGSEVQLVESGGGLVQPGGSLRLSCAASGFTFSDYWMYWVRQAPGKGLEWVSKINTNGLITKYPDSVKGRFTI
SRDNAKNTLYLQMNSLRPEDTAVYYCARSPSGFNRGQGTLVTVSSHHHHHH
;
D,E,F
#
# COMPACT_ATOMS: atom_id res chain seq x y z
N SER A 19 8.91 25.78 3.69
CA SER A 19 8.86 27.11 4.28
C SER A 19 7.42 27.51 4.60
N ASP A 20 7.19 27.89 5.86
CA ASP A 20 5.86 28.28 6.33
C ASP A 20 4.83 27.21 6.01
N LYS A 21 5.23 25.96 6.18
CA LYS A 21 4.36 24.82 5.88
C LYS A 21 4.72 23.70 6.85
N PRO A 22 3.88 23.48 7.86
CA PRO A 22 4.21 22.45 8.85
C PRO A 22 4.40 21.11 8.20
N VAL A 23 5.39 20.35 8.68
CA VAL A 23 5.71 19.08 8.03
C VAL A 23 6.42 18.19 9.05
N ALA A 24 6.17 16.89 8.95
CA ALA A 24 6.86 15.95 9.81
C ALA A 24 6.97 14.61 9.10
N HIS A 25 8.11 13.95 9.27
CA HIS A 25 8.32 12.60 8.76
C HIS A 25 9.29 11.93 9.70
N VAL A 26 8.80 10.99 10.51
CA VAL A 26 9.60 10.37 11.55
C VAL A 26 9.71 8.88 11.26
N VAL A 27 10.79 8.29 11.74
CA VAL A 27 11.07 6.88 11.54
C VAL A 27 11.19 6.20 12.90
N ALA A 28 11.22 4.88 12.88
CA ALA A 28 11.24 4.11 14.12
C ALA A 28 12.59 4.30 14.82
N ASN A 29 12.66 3.80 16.05
CA ASN A 29 13.89 3.85 16.83
C ASN A 29 14.54 2.48 16.80
N PRO A 30 15.68 2.31 16.12
CA PRO A 30 16.30 0.99 16.07
C PRO A 30 16.87 0.54 17.40
N GLU A 31 17.35 1.47 18.23
CA GLU A 31 17.92 1.10 19.53
C GLU A 31 16.81 0.90 20.55
N ALA A 32 15.82 0.10 20.21
CA ALA A 32 14.73 -0.23 21.10
C ALA A 32 14.19 -1.60 20.73
N GLU A 33 13.62 -2.28 21.72
CA GLU A 33 13.14 -3.64 21.53
C GLU A 33 11.73 -3.77 22.10
N GLY A 34 10.87 -4.44 21.37
CA GLY A 34 9.51 -4.67 21.82
C GLY A 34 8.75 -3.38 22.04
N GLN A 35 9.00 -2.38 21.22
CA GLN A 35 8.34 -1.09 21.35
C GLN A 35 8.39 -0.38 20.01
N LEU A 36 7.89 0.85 20.00
CA LEU A 36 7.82 1.63 18.76
C LEU A 36 7.94 3.10 19.16
N GLN A 37 9.17 3.63 19.11
CA GLN A 37 9.44 5.01 19.43
C GLN A 37 9.84 5.75 18.16
N TRP A 38 9.18 6.86 17.88
CA TRP A 38 9.51 7.63 16.70
C TRP A 38 10.70 8.54 16.96
N LEU A 39 11.49 8.77 15.90
CA LEU A 39 12.68 9.60 15.99
C LEU A 39 12.62 10.69 14.93
N SER A 40 13.19 11.84 15.26
CA SER A 40 13.32 12.94 14.32
C SER A 40 14.72 13.52 14.29
N ARG A 41 15.68 12.88 14.96
CA ARG A 41 17.06 13.33 15.00
C ARG A 41 17.95 12.47 14.11
N ARG A 42 17.44 12.10 12.95
CA ARG A 42 18.16 11.28 11.99
C ARG A 42 18.15 11.99 10.64
N ALA A 43 19.18 11.74 9.84
CA ALA A 43 19.19 12.29 8.48
C ALA A 43 18.04 11.70 7.68
N ASN A 44 17.56 12.49 6.72
CA ASN A 44 16.39 12.12 5.91
C ASN A 44 15.17 11.89 6.79
N ALA A 45 14.99 12.76 7.78
CA ALA A 45 13.79 12.82 8.59
C ALA A 45 13.46 14.28 8.83
N LEU A 46 12.20 14.57 9.06
CA LEU A 46 11.74 15.95 9.03
C LEU A 46 10.90 16.27 10.26
N LEU A 47 11.06 17.49 10.76
CA LEU A 47 10.19 18.02 11.80
C LEU A 47 10.30 19.54 11.73
N ALA A 48 9.31 20.20 11.14
CA ALA A 48 9.51 21.61 10.87
C ALA A 48 8.20 22.38 10.93
N ASN A 49 8.33 23.65 11.33
CA ASN A 49 7.28 24.66 11.28
C ASN A 49 6.15 24.39 12.27
N GLY A 50 6.51 24.01 13.48
CA GLY A 50 5.57 23.98 14.58
C GLY A 50 5.07 22.61 14.98
N VAL A 51 5.28 21.59 14.18
CA VAL A 51 4.84 20.25 14.54
C VAL A 51 5.79 19.70 15.60
N GLU A 52 5.23 19.16 16.67
CA GLU A 52 6.00 18.71 17.82
C GLU A 52 5.72 17.24 18.12
N LEU A 53 6.78 16.51 18.46
CA LEU A 53 6.69 15.13 18.89
C LEU A 53 6.70 15.12 20.42
N THR A 54 5.55 14.85 21.03
CA THR A 54 5.44 14.79 22.49
C THR A 54 4.77 13.48 22.86
N ASP A 55 5.54 12.56 23.44
CA ASP A 55 5.07 11.25 23.86
C ASP A 55 4.47 10.54 22.63
N ASN A 56 5.38 10.20 21.72
CA ASN A 56 5.07 9.36 20.56
C ASN A 56 3.86 9.88 19.78
N GLN A 57 3.76 11.19 19.63
CA GLN A 57 2.60 11.79 18.98
C GLN A 57 3.01 13.10 18.31
N LEU A 58 2.63 13.28 17.04
CA LEU A 58 2.80 14.56 16.39
C LEU A 58 1.58 15.41 16.64
N ILE A 59 1.81 16.70 16.92
CA ILE A 59 0.77 17.61 17.35
C ILE A 59 0.56 18.66 16.28
N VAL A 60 -0.68 18.82 15.84
CA VAL A 60 -1.00 19.79 14.79
C VAL A 60 -0.76 21.20 15.31
N PRO A 61 0.00 22.03 14.61
CA PRO A 61 0.27 23.39 15.09
C PRO A 61 -0.76 24.42 14.64
N SER A 62 -1.53 24.10 13.61
CA SER A 62 -2.51 25.04 13.10
C SER A 62 -3.58 24.29 12.32
N ASP A 63 -4.82 24.78 12.40
CA ASP A 63 -5.93 24.12 11.76
C ASP A 63 -5.80 24.16 10.25
N GLY A 64 -6.36 23.17 9.59
CA GLY A 64 -6.39 23.13 8.14
C GLY A 64 -6.41 21.70 7.64
N LEU A 65 -6.21 21.57 6.34
CA LEU A 65 -6.14 20.26 5.71
C LEU A 65 -4.74 19.70 5.81
N TYR A 66 -4.64 18.39 5.97
CA TYR A 66 -3.37 17.71 6.11
C TYR A 66 -3.41 16.40 5.37
N LEU A 67 -2.25 15.95 4.90
CA LEU A 67 -2.09 14.63 4.33
C LEU A 67 -1.29 13.79 5.31
N ILE A 68 -1.83 12.63 5.66
CA ILE A 68 -1.30 11.76 6.71
C ILE A 68 -0.97 10.42 6.10
N TYR A 69 0.23 9.91 6.37
CA TYR A 69 0.62 8.61 5.84
C TYR A 69 1.48 7.88 6.85
N SER A 70 1.56 6.57 6.68
CA SER A 70 2.34 5.74 7.59
C SER A 70 2.50 4.35 7.00
N GLN A 71 3.69 3.76 7.15
CA GLN A 71 3.91 2.40 6.70
C GLN A 71 4.75 1.64 7.70
N VAL A 72 4.39 0.38 7.92
CA VAL A 72 5.14 -0.51 8.80
C VAL A 72 5.41 -1.82 8.08
N LEU A 73 6.35 -2.58 8.62
CA LEU A 73 6.72 -3.87 8.07
C LEU A 73 6.89 -4.87 9.20
N PHE A 74 6.30 -6.05 9.05
CA PHE A 74 6.38 -7.12 10.03
C PHE A 74 7.19 -8.26 9.46
N LYS A 75 8.00 -8.90 10.30
CA LYS A 75 8.81 -10.05 9.90
C LYS A 75 8.59 -11.17 10.90
N GLY A 76 8.54 -12.40 10.41
CA GLY A 76 8.37 -13.52 11.31
C GLY A 76 8.99 -14.80 10.82
N GLN A 77 9.79 -15.45 11.67
CA GLN A 77 10.33 -16.76 11.34
C GLN A 77 9.27 -17.82 11.59
N GLY A 78 9.14 -18.77 10.67
CA GLY A 78 8.15 -19.80 10.84
C GLY A 78 6.75 -19.23 10.87
N CYS A 79 5.87 -19.91 11.61
CA CYS A 79 4.50 -19.46 11.76
C CYS A 79 3.97 -20.03 13.07
N PRO A 80 3.18 -19.27 13.83
CA PRO A 80 2.70 -19.76 15.12
C PRO A 80 1.72 -20.90 14.94
N SER A 81 1.62 -21.73 15.99
CA SER A 81 0.59 -22.77 16.00
C SER A 81 -0.80 -22.15 15.97
N THR A 82 -0.99 -21.07 16.71
CA THR A 82 -2.26 -20.35 16.73
C THR A 82 -2.29 -19.30 15.63
N HIS A 83 -3.49 -18.96 15.17
CA HIS A 83 -3.65 -17.92 14.18
C HIS A 83 -3.31 -16.56 14.77
N VAL A 84 -2.66 -15.72 13.98
CA VAL A 84 -2.23 -14.39 14.40
C VAL A 84 -2.76 -13.37 13.43
N LEU A 85 -3.25 -12.25 13.95
CA LEU A 85 -3.75 -11.15 13.14
C LEU A 85 -2.99 -9.88 13.51
N LEU A 86 -2.39 -9.23 12.51
CA LEU A 86 -1.66 -7.99 12.71
C LEU A 86 -2.50 -6.81 12.24
N THR A 87 -2.31 -5.67 12.89
CA THR A 87 -3.07 -4.48 12.54
C THR A 87 -2.17 -3.26 12.59
N HIS A 88 -2.50 -2.26 11.78
CA HIS A 88 -1.84 -0.96 11.81
C HIS A 88 -2.90 0.11 11.73
N THR A 89 -2.88 1.06 12.66
CA THR A 89 -3.91 2.09 12.72
C THR A 89 -3.28 3.46 12.92
N ILE A 90 -4.04 4.48 12.53
CA ILE A 90 -3.72 5.88 12.79
C ILE A 90 -4.93 6.51 13.45
N SER A 91 -4.71 7.21 14.55
CA SER A 91 -5.82 7.70 15.37
C SER A 91 -5.63 9.17 15.73
N ARG A 92 -6.75 9.85 15.89
CA ARG A 92 -6.80 11.26 16.23
C ARG A 92 -7.14 11.45 17.70
N PHE A 93 -6.94 12.68 18.18
CA PHE A 93 -7.31 13.05 19.54
C PHE A 93 -7.78 14.51 19.49
N ALA A 94 -9.09 14.69 19.47
CA ALA A 94 -9.64 16.04 19.42
C ALA A 94 -9.29 16.80 20.70
N VAL A 95 -8.90 18.05 20.54
CA VAL A 95 -8.52 18.86 21.70
C VAL A 95 -9.73 19.07 22.60
N SER A 96 -10.87 19.44 22.01
CA SER A 96 -12.13 19.51 22.74
C SER A 96 -12.79 18.13 22.72
N TYR A 97 -13.71 17.94 23.66
CA TYR A 97 -14.42 16.67 23.85
C TYR A 97 -13.49 15.48 23.66
N GLN A 98 -12.49 15.43 24.53
CA GLN A 98 -11.37 14.50 24.41
C GLN A 98 -11.82 13.09 24.06
N THR A 99 -11.40 12.62 22.89
CA THR A 99 -11.80 11.33 22.37
C THR A 99 -10.63 10.73 21.61
N LYS A 100 -10.88 9.64 20.90
CA LYS A 100 -9.85 9.00 20.08
C LYS A 100 -10.58 8.27 18.95
N VAL A 101 -10.69 8.92 17.79
CA VAL A 101 -11.37 8.34 16.65
C VAL A 101 -10.35 7.65 15.77
N ASN A 102 -10.83 6.72 14.94
CA ASN A 102 -9.98 5.96 14.05
C ASN A 102 -10.10 6.52 12.65
N LEU A 103 -9.02 7.08 12.13
CA LEU A 103 -9.04 7.66 10.80
C LEU A 103 -8.71 6.63 9.73
N LEU A 104 -7.60 5.93 9.86
CA LEU A 104 -7.17 4.94 8.88
C LEU A 104 -6.75 3.68 9.62
N SER A 105 -7.09 2.51 9.08
CA SER A 105 -6.72 1.27 9.74
C SER A 105 -6.67 0.14 8.72
N ALA A 106 -5.90 -0.90 9.04
CA ALA A 106 -5.83 -2.07 8.19
C ALA A 106 -5.40 -3.28 9.01
N ILE A 107 -5.81 -4.45 8.53
CA ILE A 107 -5.58 -5.74 9.19
C ILE A 107 -5.02 -6.71 8.17
N LYS A 108 -4.06 -7.53 8.58
CA LYS A 108 -3.47 -8.53 7.71
C LYS A 108 -3.19 -9.80 8.49
N SER A 109 -3.21 -10.93 7.79
CA SER A 109 -2.95 -12.24 8.36
C SER A 109 -1.83 -12.92 7.60
N PRO A 110 -0.67 -13.14 8.21
CA PRO A 110 0.46 -13.67 7.44
C PRO A 110 0.41 -15.17 7.21
N CYS A 111 -0.07 -15.92 8.19
CA CYS A 111 0.01 -17.36 8.15
C CYS A 111 -1.30 -17.96 7.68
N GLN A 112 -1.21 -19.12 7.04
CA GLN A 112 -2.39 -19.84 6.56
C GLN A 112 -2.46 -21.28 7.03
N ARG A 113 -1.32 -21.91 7.32
CA ARG A 113 -1.33 -23.28 7.81
C ARG A 113 -0.10 -23.48 8.69
N GLU A 114 -0.18 -24.51 9.53
CA GLU A 114 0.87 -24.83 10.50
C GLU A 114 1.21 -23.62 11.38
N ALA A 121 10.69 -23.45 8.05
CA ALA A 121 11.40 -22.56 8.96
C ALA A 121 11.76 -21.24 8.28
N LYS A 122 11.34 -21.09 7.02
CA LYS A 122 11.66 -19.89 6.28
C LYS A 122 10.90 -18.69 6.84
N PRO A 123 11.50 -17.51 6.80
CA PRO A 123 10.84 -16.32 7.33
C PRO A 123 9.84 -15.74 6.33
N TRP A 124 9.00 -14.83 6.83
CA TRP A 124 8.03 -14.13 6.01
C TRP A 124 8.03 -12.65 6.36
N TYR A 125 7.70 -11.84 5.36
CA TYR A 125 7.64 -10.39 5.49
C TYR A 125 6.26 -9.91 5.04
N GLU A 126 5.73 -8.88 5.72
CA GLU A 126 4.45 -8.31 5.35
C GLU A 126 4.47 -6.79 5.55
N PRO A 127 4.29 -6.01 4.49
CA PRO A 127 4.18 -4.56 4.64
C PRO A 127 2.74 -4.09 4.73
N ILE A 128 2.53 -2.95 5.38
CA ILE A 128 1.22 -2.32 5.46
C ILE A 128 1.40 -0.82 5.29
N TYR A 129 0.58 -0.22 4.43
CA TYR A 129 0.65 1.21 4.13
C TYR A 129 -0.72 1.84 4.27
N LEU A 130 -0.76 3.06 4.80
CA LEU A 130 -1.99 3.83 4.92
C LEU A 130 -1.72 5.29 4.60
N GLY A 131 -2.72 5.95 4.02
CA GLY A 131 -2.58 7.36 3.69
C GLY A 131 -3.92 7.97 3.36
N GLY A 132 -4.06 9.25 3.68
CA GLY A 132 -5.33 9.92 3.48
C GLY A 132 -5.21 11.41 3.70
N VAL A 133 -6.32 12.11 3.51
CA VAL A 133 -6.39 13.56 3.64
C VAL A 133 -7.49 13.89 4.63
N PHE A 134 -7.15 14.68 5.65
CA PHE A 134 -8.12 14.98 6.70
C PHE A 134 -8.02 16.43 7.12
N GLN A 135 -9.13 16.96 7.63
CA GLN A 135 -9.18 18.32 8.14
C GLN A 135 -9.06 18.28 9.66
N LEU A 136 -8.04 18.94 10.19
CA LEU A 136 -7.74 18.86 11.62
C LEU A 136 -7.68 20.26 12.21
N GLU A 137 -8.02 20.35 13.49
CA GLU A 137 -7.96 21.60 14.21
C GLU A 137 -6.60 21.76 14.90
N LYS A 138 -6.46 22.84 15.65
CA LYS A 138 -5.19 23.13 16.33
C LYS A 138 -5.09 22.34 17.62
N GLY A 139 -3.94 21.72 17.84
CA GLY A 139 -3.71 20.99 19.06
C GLY A 139 -4.19 19.55 19.05
N ASP A 140 -4.77 19.08 17.96
CA ASP A 140 -5.09 17.66 17.85
C ASP A 140 -3.81 16.85 17.75
N ARG A 141 -3.82 15.66 18.34
CA ARG A 141 -2.64 14.80 18.39
C ARG A 141 -2.91 13.51 17.65
N LEU A 142 -2.06 13.19 16.68
CA LEU A 142 -2.19 11.99 15.87
C LEU A 142 -1.21 10.94 16.35
N SER A 143 -1.58 9.67 16.23
CA SER A 143 -0.71 8.60 16.70
C SER A 143 -0.90 7.36 15.86
N ALA A 144 0.20 6.72 15.50
CA ALA A 144 0.19 5.50 14.70
C ALA A 144 0.59 4.32 15.58
N GLU A 145 -0.23 3.27 15.56
CA GLU A 145 -0.09 2.18 16.52
C GLU A 145 -0.22 0.83 15.84
N ILE A 146 0.40 -0.18 16.47
CA ILE A 146 0.31 -1.56 16.07
C ILE A 146 -0.06 -2.40 17.30
N ASN A 147 -0.08 -3.72 17.14
CA ASN A 147 -0.53 -4.58 18.21
C ASN A 147 0.46 -5.65 18.64
N LEU A 148 1.42 -6.02 17.79
CA LEU A 148 2.39 -7.06 18.12
C LEU A 148 3.79 -6.51 17.86
N PRO A 149 4.31 -5.67 18.75
CA PRO A 149 5.62 -5.06 18.51
C PRO A 149 6.75 -6.07 18.37
N ASN A 150 6.63 -7.24 18.99
CA ASN A 150 7.70 -8.21 18.89
C ASN A 150 7.88 -8.75 17.48
N TYR A 151 6.92 -8.52 16.59
CA TYR A 151 7.02 -8.92 15.19
C TYR A 151 7.54 -7.82 14.30
N LEU A 152 7.80 -6.63 14.84
CA LEU A 152 8.17 -5.50 14.01
C LEU A 152 9.59 -5.64 13.48
N ASP A 153 9.83 -4.99 12.34
CA ASP A 153 11.13 -5.00 11.68
C ASP A 153 11.60 -3.56 11.51
N PHE A 154 12.48 -3.11 12.39
CA PHE A 154 13.06 -1.77 12.31
C PHE A 154 14.57 -1.82 12.12
N ALA A 155 15.08 -2.94 11.59
CA ALA A 155 16.53 -3.09 11.43
C ALA A 155 17.07 -2.11 10.39
N GLU A 156 16.45 -2.07 9.22
CA GLU A 156 16.94 -1.26 8.13
C GLU A 156 16.29 0.12 8.15
N SER A 157 16.62 0.92 7.14
CA SER A 157 16.13 2.28 7.03
C SER A 157 14.98 2.34 6.04
N GLY A 158 14.00 3.19 6.34
CA GLY A 158 12.88 3.36 5.45
C GLY A 158 11.88 2.23 5.45
N GLN A 159 11.97 1.31 6.39
CA GLN A 159 11.01 0.22 6.45
C GLN A 159 9.83 0.52 7.37
N VAL A 160 9.97 1.45 8.30
CA VAL A 160 8.88 1.90 9.16
C VAL A 160 8.94 3.40 9.26
N TYR A 161 7.83 4.08 9.00
CA TYR A 161 7.83 5.53 9.07
C TYR A 161 6.41 6.04 9.20
N PHE A 162 6.28 7.32 9.56
CA PHE A 162 4.97 7.92 9.74
C PHE A 162 5.13 9.42 9.64
N GLY A 163 4.24 10.08 8.90
CA GLY A 163 4.42 11.49 8.62
C GLY A 163 3.16 12.21 8.19
N ILE A 164 3.22 13.54 8.26
CA ILE A 164 2.13 14.42 7.88
C ILE A 164 2.68 15.64 7.16
N ILE A 165 1.84 16.25 6.33
CA ILE A 165 2.21 17.46 5.60
C ILE A 165 0.99 18.36 5.48
N ALA A 166 1.17 19.66 5.70
CA ALA A 166 0.07 20.60 5.59
C ALA A 166 -0.10 21.08 4.15
N LEU A 167 -1.31 21.54 3.84
CA LEU A 167 -1.61 22.01 2.50
C LEU A 167 -2.46 23.28 2.54
N SER B 19 -11.42 27.00 1.47
CA SER B 19 -9.97 27.02 1.28
C SER B 19 -9.62 27.16 -0.19
N ASP B 20 -10.65 27.28 -1.03
CA ASP B 20 -10.50 27.38 -2.48
C ASP B 20 -9.72 26.20 -3.06
N LYS B 21 -9.67 25.09 -2.33
CA LYS B 21 -8.99 23.88 -2.77
C LYS B 21 -10.02 22.76 -2.85
N PRO B 22 -10.46 22.37 -4.04
CA PRO B 22 -11.43 21.27 -4.13
C PRO B 22 -10.86 20.04 -3.46
N VAL B 23 -11.71 19.34 -2.70
CA VAL B 23 -11.22 18.22 -1.91
C VAL B 23 -12.37 17.27 -1.63
N ALA B 24 -12.07 15.98 -1.61
CA ALA B 24 -13.08 15.00 -1.25
C ALA B 24 -12.42 13.78 -0.63
N HIS B 25 -13.07 13.22 0.38
CA HIS B 25 -12.63 11.99 1.00
C HIS B 25 -13.88 11.28 1.49
N VAL B 26 -14.27 10.21 0.81
CA VAL B 26 -15.52 9.52 1.10
C VAL B 26 -15.21 8.11 1.54
N VAL B 27 -16.12 7.55 2.33
CA VAL B 27 -15.99 6.21 2.88
C VAL B 27 -17.16 5.36 2.40
N ALA B 28 -17.07 4.07 2.65
CA ALA B 28 -18.10 3.15 2.19
C ALA B 28 -19.39 3.38 2.96
N ASN B 29 -20.42 2.64 2.58
CA ASN B 29 -21.72 2.72 3.25
C ASN B 29 -21.96 1.43 4.03
N PRO B 30 -21.86 1.45 5.35
CA PRO B 30 -22.12 0.23 6.12
C PRO B 30 -23.54 -0.27 5.98
N GLU B 31 -24.51 0.64 5.81
CA GLU B 31 -25.91 0.23 5.70
C GLU B 31 -26.21 -0.23 4.29
N ALA B 32 -25.41 -1.15 3.78
CA ALA B 32 -25.60 -1.74 2.47
C ALA B 32 -24.91 -3.08 2.44
N GLU B 33 -25.38 -3.96 1.57
CA GLU B 33 -24.88 -5.32 1.49
C GLU B 33 -24.61 -5.69 0.04
N GLY B 34 -23.48 -6.34 -0.19
CA GLY B 34 -23.14 -6.78 -1.53
C GLY B 34 -23.04 -5.63 -2.51
N GLN B 35 -22.51 -4.49 -2.06
CA GLN B 35 -22.40 -3.32 -2.91
C GLN B 35 -21.34 -2.40 -2.31
N LEU B 36 -21.12 -1.28 -2.99
CA LEU B 36 -20.08 -0.33 -2.59
C LEU B 36 -20.59 1.06 -2.92
N GLN B 37 -21.19 1.72 -1.93
CA GLN B 37 -21.75 3.04 -2.09
C GLN B 37 -20.98 4.02 -1.23
N TRP B 38 -20.52 5.11 -1.83
CA TRP B 38 -19.75 6.08 -1.08
C TRP B 38 -20.66 7.04 -0.32
N LEU B 39 -20.17 7.52 0.82
CA LEU B 39 -20.91 8.45 1.65
C LEU B 39 -20.03 9.64 1.99
N SER B 40 -20.66 10.80 2.14
CA SER B 40 -19.97 12.00 2.57
C SER B 40 -20.68 12.68 3.73
N ARG B 41 -21.68 12.03 4.33
CA ARG B 41 -22.43 12.55 5.46
C ARG B 41 -22.01 11.90 6.76
N ARG B 42 -20.72 11.66 6.92
CA ARG B 42 -20.15 11.04 8.10
C ARG B 42 -19.15 12.00 8.72
N ALA B 43 -18.88 11.84 10.01
CA ALA B 43 -17.79 12.57 10.63
C ALA B 43 -16.46 12.07 10.05
N ASN B 44 -15.49 12.98 9.99
CA ASN B 44 -14.18 12.68 9.44
C ASN B 44 -14.29 12.23 7.97
N ALA B 45 -15.13 12.92 7.22
CA ALA B 45 -15.24 12.74 5.78
C ALA B 45 -15.41 14.11 5.16
N LEU B 46 -14.99 14.25 3.90
CA LEU B 46 -14.85 15.56 3.31
C LEU B 46 -15.51 15.62 1.95
N LEU B 47 -16.13 16.76 1.64
CA LEU B 47 -16.62 17.04 0.30
C LEU B 47 -16.75 18.56 0.19
N ALA B 48 -15.79 19.21 -0.46
CA ALA B 48 -15.79 20.66 -0.39
C ALA B 48 -15.21 21.28 -1.65
N ASN B 49 -15.71 22.49 -1.93
CA ASN B 49 -15.19 23.40 -2.96
C ASN B 49 -15.45 22.88 -4.37
N GLY B 50 -16.66 22.40 -4.61
CA GLY B 50 -17.13 22.14 -5.94
C GLY B 50 -17.15 20.68 -6.35
N VAL B 51 -16.47 19.80 -5.62
CA VAL B 51 -16.47 18.39 -5.97
C VAL B 51 -17.83 17.80 -5.61
N GLU B 52 -18.41 17.03 -6.53
CA GLU B 52 -19.75 16.50 -6.39
C GLU B 52 -19.75 14.99 -6.50
N LEU B 53 -20.56 14.35 -5.67
CA LEU B 53 -20.78 12.91 -5.69
C LEU B 53 -22.09 12.66 -6.44
N THR B 54 -22.00 12.27 -7.71
CA THR B 54 -23.18 12.01 -8.52
C THR B 54 -23.09 10.59 -9.08
N ASP B 55 -23.95 9.71 -8.57
CA ASP B 55 -24.02 8.31 -8.99
C ASP B 55 -22.64 7.68 -8.79
N ASN B 56 -22.30 7.53 -7.51
CA ASN B 56 -21.11 6.81 -7.07
C ASN B 56 -19.84 7.26 -7.81
N GLN B 57 -19.74 8.56 -8.06
CA GLN B 57 -18.60 9.10 -8.78
C GLN B 57 -18.26 10.47 -8.24
N LEU B 58 -16.99 10.84 -8.33
CA LEU B 58 -16.51 12.15 -7.92
C LEU B 58 -16.20 12.96 -9.17
N ILE B 59 -16.73 14.17 -9.23
CA ILE B 59 -16.67 14.98 -10.44
C ILE B 59 -15.73 16.15 -10.22
N VAL B 60 -14.75 16.28 -11.11
CA VAL B 60 -13.76 17.36 -10.99
C VAL B 60 -14.44 18.69 -11.25
N PRO B 61 -14.26 19.69 -10.40
CA PRO B 61 -14.91 20.98 -10.61
C PRO B 61 -14.10 21.96 -11.45
N SER B 62 -12.79 21.71 -11.58
CA SER B 62 -11.95 22.61 -12.33
C SER B 62 -10.67 21.87 -12.75
N ASP B 63 -10.16 22.22 -13.93
CA ASP B 63 -8.99 21.54 -14.46
C ASP B 63 -7.76 21.82 -13.61
N GLY B 64 -6.84 20.87 -13.60
CA GLY B 64 -5.59 21.04 -12.90
C GLY B 64 -5.02 19.70 -12.49
N LEU B 65 -4.00 19.76 -11.66
CA LEU B 65 -3.36 18.58 -11.11
C LEU B 65 -4.07 18.13 -9.84
N TYR B 66 -4.27 16.83 -9.69
CA TYR B 66 -4.97 16.27 -8.56
C TYR B 66 -4.19 15.07 -8.05
N LEU B 67 -4.30 14.83 -6.74
CA LEU B 67 -3.80 13.61 -6.13
C LEU B 67 -4.99 12.72 -5.81
N ILE B 68 -4.93 11.48 -6.27
CA ILE B 68 -6.02 10.53 -6.19
C ILE B 68 -5.55 9.30 -5.42
N TYR B 69 -6.32 8.90 -4.42
CA TYR B 69 -5.95 7.72 -3.63
C TYR B 69 -7.21 6.96 -3.25
N SER B 70 -7.02 5.67 -2.95
CA SER B 70 -8.14 4.87 -2.46
C SER B 70 -7.61 3.57 -1.88
N GLN B 71 -8.27 3.08 -0.83
CA GLN B 71 -7.88 1.81 -0.23
C GLN B 71 -9.11 1.01 0.13
N VAL B 72 -9.03 -0.31 -0.10
CA VAL B 72 -10.11 -1.22 0.25
C VAL B 72 -9.53 -2.40 1.01
N LEU B 73 -10.43 -3.13 1.68
CA LEU B 73 -10.07 -4.30 2.46
C LEU B 73 -11.05 -5.42 2.14
N PHE B 74 -10.52 -6.62 1.93
CA PHE B 74 -11.34 -7.80 1.69
C PHE B 74 -11.15 -8.78 2.84
N LYS B 75 -12.24 -9.42 3.26
CA LYS B 75 -12.21 -10.41 4.32
C LYS B 75 -12.89 -11.68 3.83
N GLY B 76 -12.32 -12.83 4.18
CA GLY B 76 -12.94 -14.08 3.77
C GLY B 76 -12.74 -15.23 4.74
N GLN B 77 -13.81 -15.95 5.06
CA GLN B 77 -13.69 -17.15 5.88
C GLN B 77 -13.24 -18.31 5.00
N GLY B 78 -12.25 -19.07 5.47
CA GLY B 78 -11.81 -20.20 4.68
C GLY B 78 -11.25 -19.77 3.35
N CYS B 79 -11.37 -20.65 2.36
CA CYS B 79 -10.93 -20.37 1.00
C CYS B 79 -11.77 -21.22 0.06
N PRO B 80 -12.14 -20.70 -1.11
CA PRO B 80 -12.99 -21.48 -2.01
C PRO B 80 -12.22 -22.62 -2.65
N SER B 81 -12.97 -23.59 -3.16
CA SER B 81 -12.36 -24.67 -3.92
C SER B 81 -11.67 -24.14 -5.17
N THR B 82 -12.32 -23.20 -5.86
CA THR B 82 -11.75 -22.57 -7.03
C THR B 82 -10.88 -21.38 -6.64
N HIS B 83 -9.86 -21.11 -7.45
CA HIS B 83 -9.02 -19.95 -7.23
C HIS B 83 -9.79 -18.67 -7.50
N VAL B 84 -9.61 -17.69 -6.63
CA VAL B 84 -10.29 -16.40 -6.72
C VAL B 84 -9.24 -15.31 -6.82
N LEU B 85 -9.47 -14.36 -7.73
CA LEU B 85 -8.60 -13.19 -7.88
C LEU B 85 -9.42 -11.94 -7.63
N LEU B 86 -8.91 -11.07 -6.76
CA LEU B 86 -9.58 -9.82 -6.44
C LEU B 86 -8.82 -8.66 -7.06
N THR B 87 -9.56 -7.62 -7.44
CA THR B 87 -8.96 -6.47 -8.08
C THR B 87 -9.53 -5.18 -7.51
N HIS B 88 -8.73 -4.12 -7.56
CA HIS B 88 -9.17 -2.79 -7.17
C HIS B 88 -8.65 -1.82 -8.21
N THR B 89 -9.54 -1.03 -8.81
CA THR B 89 -9.15 -0.12 -9.89
C THR B 89 -9.75 1.26 -9.67
N ILE B 90 -9.11 2.25 -10.28
CA ILE B 90 -9.59 3.61 -10.34
C ILE B 90 -9.60 4.04 -11.80
N SER B 91 -10.72 4.59 -12.25
CA SER B 91 -10.92 4.85 -13.67
C SER B 91 -11.47 6.25 -13.88
N ARG B 92 -11.19 6.80 -15.06
CA ARG B 92 -11.53 8.16 -15.40
C ARG B 92 -12.43 8.21 -16.64
N PHE B 93 -13.45 9.05 -16.58
CA PHE B 93 -14.36 9.28 -17.69
C PHE B 93 -14.12 10.71 -18.18
N ALA B 94 -13.61 10.84 -19.40
CA ALA B 94 -13.36 12.15 -19.97
C ALA B 94 -14.65 12.76 -20.47
N VAL B 95 -14.78 14.08 -20.30
CA VAL B 95 -15.99 14.76 -20.74
C VAL B 95 -16.09 14.74 -22.26
N SER B 96 -14.99 15.03 -22.94
CA SER B 96 -14.93 14.92 -24.39
C SER B 96 -14.50 13.51 -24.78
N TYR B 97 -14.86 13.13 -26.01
CA TYR B 97 -14.59 11.80 -26.56
C TYR B 97 -14.80 10.71 -25.50
N GLN B 98 -16.05 10.62 -25.06
CA GLN B 98 -16.44 9.82 -23.91
C GLN B 98 -15.79 8.45 -23.93
N THR B 99 -14.98 8.18 -22.91
CA THR B 99 -14.24 6.93 -22.80
C THR B 99 -14.14 6.56 -21.32
N LYS B 100 -13.34 5.54 -21.02
CA LYS B 100 -13.11 5.13 -19.65
C LYS B 100 -11.73 4.48 -19.60
N VAL B 101 -10.71 5.25 -19.24
CA VAL B 101 -9.34 4.76 -19.21
C VAL B 101 -9.01 4.32 -17.80
N ASN B 102 -7.95 3.54 -17.68
CA ASN B 102 -7.51 3.02 -16.39
C ASN B 102 -6.32 3.84 -15.91
N LEU B 103 -6.46 4.44 -14.73
CA LEU B 103 -5.38 5.22 -14.13
C LEU B 103 -4.54 4.40 -13.18
N LEU B 104 -5.16 3.75 -12.20
CA LEU B 104 -4.45 2.95 -11.22
C LEU B 104 -5.19 1.63 -11.05
N SER B 105 -4.45 0.55 -10.84
CA SER B 105 -5.10 -0.74 -10.69
C SER B 105 -4.17 -1.69 -9.96
N ALA B 106 -4.77 -2.71 -9.33
CA ALA B 106 -3.98 -3.75 -8.68
C ALA B 106 -4.81 -5.01 -8.52
N ILE B 107 -4.11 -6.14 -8.41
CA ILE B 107 -4.70 -7.48 -8.33
C ILE B 107 -4.04 -8.23 -7.20
N LYS B 108 -4.82 -9.04 -6.48
CA LYS B 108 -4.30 -9.85 -5.39
C LYS B 108 -5.04 -11.18 -5.34
N SER B 109 -4.40 -12.18 -4.74
CA SER B 109 -4.94 -13.52 -4.62
C SER B 109 -4.60 -14.10 -3.25
N PRO B 110 -5.59 -14.37 -2.41
CA PRO B 110 -5.30 -14.76 -1.03
C PRO B 110 -5.19 -16.26 -0.81
N CYS B 111 -5.71 -17.07 -1.72
CA CYS B 111 -5.82 -18.49 -1.51
C CYS B 111 -4.81 -19.25 -2.37
N GLN B 112 -4.22 -20.29 -1.79
CA GLN B 112 -3.30 -21.16 -2.51
C GLN B 112 -3.65 -22.64 -2.41
N ARG B 113 -4.41 -23.06 -1.40
CA ARG B 113 -4.82 -24.45 -1.29
C ARG B 113 -6.03 -24.53 -0.39
N GLU B 114 -7.03 -25.30 -0.82
CA GLU B 114 -8.26 -25.49 -0.07
C GLU B 114 -8.96 -24.17 0.25
N ALA B 121 -10.47 -23.22 8.81
CA ALA B 121 -11.70 -22.44 8.82
C ALA B 121 -11.45 -21.01 9.27
N LYS B 122 -10.19 -20.69 9.53
CA LYS B 122 -9.84 -19.37 10.02
C LYS B 122 -9.98 -18.32 8.91
N PRO B 123 -10.34 -17.10 9.27
CA PRO B 123 -10.54 -16.05 8.25
C PRO B 123 -9.21 -15.46 7.79
N TRP B 124 -9.29 -14.70 6.70
CA TRP B 124 -8.15 -14.00 6.16
C TRP B 124 -8.55 -12.59 5.76
N TYR B 125 -7.58 -11.67 5.82
CA TYR B 125 -7.76 -10.27 5.47
C TYR B 125 -6.73 -9.86 4.44
N GLU B 126 -7.14 -9.01 3.50
CA GLU B 126 -6.22 -8.50 2.48
C GLU B 126 -6.52 -7.03 2.18
N PRO B 127 -5.59 -6.12 2.42
CA PRO B 127 -5.78 -4.73 2.02
C PRO B 127 -5.13 -4.43 0.67
N ILE B 128 -5.70 -3.44 -0.02
CA ILE B 128 -5.15 -2.96 -1.28
C ILE B 128 -5.20 -1.43 -1.28
N TYR B 129 -4.09 -0.79 -1.62
CA TYR B 129 -3.98 0.65 -1.63
C TYR B 129 -3.46 1.13 -2.97
N LEU B 130 -4.02 2.24 -3.46
CA LEU B 130 -3.59 2.85 -4.71
C LEU B 130 -3.52 4.35 -4.54
N GLY B 131 -2.58 4.98 -5.24
CA GLY B 131 -2.44 6.42 -5.17
C GLY B 131 -1.53 7.00 -6.24
N GLY B 132 -1.83 8.20 -6.71
CA GLY B 132 -1.06 8.79 -7.79
C GLY B 132 -1.44 10.23 -8.00
N VAL B 133 -0.77 10.84 -8.98
CA VAL B 133 -0.96 12.24 -9.32
C VAL B 133 -1.30 12.33 -10.80
N PHE B 134 -2.40 13.00 -11.13
CA PHE B 134 -2.85 13.05 -12.51
C PHE B 134 -3.36 14.44 -12.86
N GLN B 135 -3.28 14.78 -14.14
CA GLN B 135 -3.80 16.04 -14.65
C GLN B 135 -5.17 15.80 -15.27
N LEU B 136 -6.18 16.48 -14.74
CA LEU B 136 -7.56 16.24 -15.14
C LEU B 136 -8.20 17.54 -15.61
N GLU B 137 -9.15 17.40 -16.53
CA GLU B 137 -9.89 18.54 -17.05
C GLU B 137 -11.15 18.74 -16.20
N LYS B 138 -12.02 19.65 -16.64
CA LYS B 138 -13.22 19.99 -15.90
C LYS B 138 -14.37 19.07 -16.31
N GLY B 139 -15.02 18.45 -15.34
CA GLY B 139 -16.14 17.59 -15.61
C GLY B 139 -15.80 16.13 -15.82
N ASP B 140 -14.53 15.75 -15.82
CA ASP B 140 -14.19 14.34 -15.87
C ASP B 140 -14.61 13.66 -14.57
N ARG B 141 -15.07 12.42 -14.67
CA ARG B 141 -15.64 11.72 -13.53
C ARG B 141 -14.79 10.53 -13.14
N LEU B 142 -14.40 10.46 -11.88
CA LEU B 142 -13.53 9.41 -11.38
C LEU B 142 -14.34 8.38 -10.62
N SER B 143 -13.91 7.13 -10.70
CA SER B 143 -14.67 6.06 -10.05
C SER B 143 -13.74 4.94 -9.61
N ALA B 144 -13.92 4.48 -8.38
CA ALA B 144 -13.12 3.40 -7.81
C ALA B 144 -13.98 2.16 -7.65
N GLU B 145 -13.54 1.05 -8.23
CA GLU B 145 -14.38 -0.15 -8.34
C GLU B 145 -13.61 -1.40 -7.97
N ILE B 146 -14.37 -2.42 -7.58
CA ILE B 146 -13.87 -3.74 -7.27
C ILE B 146 -14.70 -4.76 -8.05
N ASN B 147 -14.44 -6.04 -7.80
CA ASN B 147 -15.08 -7.08 -8.60
C ASN B 147 -15.89 -8.10 -7.79
N LEU B 148 -15.62 -8.26 -6.50
CA LEU B 148 -16.33 -9.23 -5.67
C LEU B 148 -16.84 -8.52 -4.42
N PRO B 149 -17.94 -7.77 -4.54
CA PRO B 149 -18.43 -7.02 -3.37
C PRO B 149 -18.81 -7.91 -2.19
N ASN B 150 -19.18 -9.17 -2.44
CA ASN B 150 -19.56 -10.03 -1.33
C ASN B 150 -18.39 -10.34 -0.41
N TYR B 151 -17.16 -10.11 -0.86
CA TYR B 151 -15.97 -10.30 -0.04
C TYR B 151 -15.53 -9.03 0.66
N LEU B 152 -16.21 -7.91 0.43
CA LEU B 152 -15.76 -6.65 0.99
C LEU B 152 -16.03 -6.60 2.49
N ASP B 153 -15.25 -5.77 3.17
CA ASP B 153 -15.32 -5.61 4.62
C ASP B 153 -15.44 -4.13 4.94
N PHE B 154 -16.65 -3.68 5.25
CA PHE B 154 -16.91 -2.29 5.62
C PHE B 154 -17.51 -2.18 7.02
N ALA B 155 -17.23 -3.15 7.88
CA ALA B 155 -17.81 -3.14 9.22
C ALA B 155 -17.27 -1.97 10.04
N GLU B 156 -15.95 -1.81 10.07
CA GLU B 156 -15.33 -0.79 10.89
C GLU B 156 -15.17 0.50 10.09
N SER B 157 -14.44 1.45 10.65
CA SER B 157 -14.26 2.76 10.05
C SER B 157 -12.83 2.90 9.56
N GLY B 158 -12.66 3.59 8.44
CA GLY B 158 -11.34 3.79 7.90
C GLY B 158 -10.76 2.59 7.20
N GLN B 159 -11.55 1.54 6.97
CA GLN B 159 -11.05 0.37 6.27
C GLN B 159 -11.28 0.43 4.77
N VAL B 160 -12.22 1.25 4.31
CA VAL B 160 -12.48 1.46 2.89
C VAL B 160 -12.70 2.95 2.66
N TYR B 161 -11.98 3.53 1.70
CA TYR B 161 -12.17 4.94 1.42
C TYR B 161 -11.60 5.28 0.06
N PHE B 162 -11.98 6.46 -0.45
CA PHE B 162 -11.52 6.93 -1.75
C PHE B 162 -11.59 8.44 -1.73
N GLY B 163 -10.54 9.09 -2.24
CA GLY B 163 -10.46 10.54 -2.11
C GLY B 163 -9.54 11.19 -3.10
N ILE B 164 -9.74 12.50 -3.29
CA ILE B 164 -8.93 13.32 -4.18
C ILE B 164 -8.67 14.67 -3.53
N ILE B 165 -7.57 15.30 -3.93
CA ILE B 165 -7.22 16.65 -3.47
C ILE B 165 -6.61 17.42 -4.63
N ALA B 166 -6.90 18.71 -4.71
CA ALA B 166 -6.38 19.55 -5.78
C ALA B 166 -5.16 20.33 -5.33
N LEU B 167 -4.22 20.53 -6.25
CA LEU B 167 -3.00 21.25 -5.95
C LEU B 167 -2.25 21.63 -7.23
N SER C 19 1.13 24.23 -13.14
CA SER C 19 1.83 25.43 -13.57
C SER C 19 2.86 25.87 -12.52
N ASP C 20 4.11 26.04 -12.97
CA ASP C 20 5.20 26.44 -12.10
C ASP C 20 5.33 25.50 -10.91
N LYS C 21 5.11 24.21 -11.16
CA LYS C 21 5.15 23.18 -10.13
C LYS C 21 5.76 21.93 -10.75
N PRO C 22 7.03 21.65 -10.46
CA PRO C 22 7.66 20.47 -11.06
C PRO C 22 6.89 19.23 -10.73
N VAL C 23 6.71 18.35 -11.70
CA VAL C 23 5.87 17.18 -11.50
C VAL C 23 6.31 16.08 -12.47
N ALA C 24 6.24 14.84 -12.01
CA ALA C 24 6.53 13.73 -12.89
C ALA C 24 5.75 12.51 -12.45
N HIS C 25 5.23 11.77 -13.42
CA HIS C 25 4.57 10.50 -13.16
C HIS C 25 4.85 9.62 -14.36
N VAL C 26 5.74 8.65 -14.21
CA VAL C 26 6.19 7.82 -15.31
C VAL C 26 5.70 6.40 -15.08
N VAL C 27 5.49 5.68 -16.19
CA VAL C 27 4.94 4.34 -16.19
C VAL C 27 5.97 3.43 -16.84
N ALA C 28 5.82 2.12 -16.60
CA ALA C 28 6.81 1.18 -17.09
C ALA C 28 6.76 1.06 -18.61
N ASN C 29 7.81 0.48 -19.17
CA ASN C 29 7.89 0.23 -20.61
C ASN C 29 7.38 -1.17 -20.90
N PRO C 30 6.31 -1.32 -21.65
CA PRO C 30 5.80 -2.67 -21.94
C PRO C 30 6.58 -3.36 -23.04
N GLU C 31 7.16 -2.58 -23.95
CA GLU C 31 7.94 -3.13 -25.05
C GLU C 31 9.37 -3.43 -24.60
N ALA C 32 9.50 -4.11 -23.46
CA ALA C 32 10.79 -4.52 -22.94
C ALA C 32 10.58 -5.79 -22.13
N GLU C 33 11.65 -6.56 -21.99
CA GLU C 33 11.59 -7.84 -21.31
C GLU C 33 12.74 -7.96 -20.32
N GLY C 34 12.43 -8.46 -19.13
CA GLY C 34 13.45 -8.64 -18.12
C GLY C 34 14.12 -7.34 -17.73
N GLN C 35 13.36 -6.25 -17.68
CA GLN C 35 13.93 -4.95 -17.37
C GLN C 35 12.81 -4.03 -16.91
N LEU C 36 13.20 -2.86 -16.42
CA LEU C 36 12.27 -1.87 -15.90
C LEU C 36 12.71 -0.51 -16.42
N GLN C 37 12.09 -0.07 -17.51
CA GLN C 37 12.42 1.19 -18.14
C GLN C 37 11.21 2.12 -18.04
N TRP C 38 11.44 3.34 -17.60
CA TRP C 38 10.34 4.28 -17.40
C TRP C 38 10.05 5.04 -18.69
N LEU C 39 8.79 5.44 -18.86
CA LEU C 39 8.35 6.14 -20.05
C LEU C 39 7.57 7.39 -19.66
N SER C 40 7.64 8.41 -20.50
CA SER C 40 6.86 9.62 -20.32
C SER C 40 6.20 10.06 -21.62
N ARG C 41 6.18 9.20 -22.63
CA ARG C 41 5.56 9.48 -23.92
C ARG C 41 4.28 8.67 -24.09
N ARG C 42 3.50 8.58 -23.02
CA ARG C 42 2.25 7.84 -23.00
C ARG C 42 1.15 8.78 -22.53
N ALA C 43 -0.08 8.47 -22.91
CA ALA C 43 -1.22 9.20 -22.36
C ALA C 43 -1.33 8.90 -20.87
N ASN C 44 -1.82 9.89 -20.12
CA ASN C 44 -1.95 9.80 -18.67
C ASN C 44 -0.60 9.56 -18.01
N ALA C 45 0.43 10.25 -18.51
CA ALA C 45 1.74 10.28 -17.89
C ALA C 45 2.23 11.72 -17.92
N LEU C 46 3.10 12.06 -16.98
CA LEU C 46 3.43 13.45 -16.76
C LEU C 46 4.93 13.65 -16.66
N LEU C 47 5.40 14.77 -17.21
CA LEU C 47 6.79 15.19 -17.02
C LEU C 47 6.82 16.69 -17.31
N ALA C 48 6.85 17.51 -16.28
CA ALA C 48 6.68 18.94 -16.52
C ALA C 48 7.46 19.77 -15.52
N ASN C 49 7.86 20.96 -16.00
CA ASN C 49 8.42 22.05 -15.20
C ASN C 49 9.81 21.71 -14.66
N GLY C 50 10.65 21.16 -15.53
CA GLY C 50 12.06 21.04 -15.25
C GLY C 50 12.54 19.65 -14.86
N VAL C 51 11.64 18.76 -14.48
CA VAL C 51 12.03 17.42 -14.10
C VAL C 51 12.41 16.65 -15.36
N GLU C 52 13.59 16.03 -15.34
CA GLU C 52 14.11 15.32 -16.49
C GLU C 52 14.37 13.86 -16.14
N LEU C 53 14.08 12.98 -17.10
CA LEU C 53 14.29 11.54 -16.97
C LEU C 53 15.51 11.19 -17.80
N THR C 54 16.67 11.06 -17.15
CA THR C 54 17.92 10.73 -17.82
C THR C 54 18.50 9.47 -17.20
N ASP C 55 18.57 8.40 -18.00
CA ASP C 55 19.09 7.11 -17.57
C ASP C 55 18.28 6.62 -16.37
N ASN C 56 17.03 6.29 -16.67
CA ASN C 56 16.10 5.66 -15.73
C ASN C 56 16.10 6.34 -14.36
N GLN C 57 16.20 7.67 -14.36
CA GLN C 57 16.25 8.43 -13.12
C GLN C 57 15.55 9.76 -13.31
N LEU C 58 14.99 10.28 -12.24
CA LEU C 58 14.31 11.57 -12.23
C LEU C 58 15.20 12.57 -11.51
N ILE C 59 15.43 13.72 -12.13
CA ILE C 59 16.35 14.72 -11.61
C ILE C 59 15.54 15.88 -11.04
N VAL C 60 15.83 16.22 -9.79
CA VAL C 60 15.13 17.33 -9.14
C VAL C 60 15.57 18.65 -9.77
N PRO C 61 14.65 19.49 -10.20
CA PRO C 61 15.06 20.74 -10.85
C PRO C 61 15.31 21.89 -9.89
N SER C 62 14.75 21.81 -8.68
CA SER C 62 14.93 22.86 -7.70
C SER C 62 14.69 22.31 -6.31
N ASP C 63 15.40 22.85 -5.34
CA ASP C 63 15.33 22.35 -3.97
C ASP C 63 13.95 22.62 -3.37
N GLY C 64 13.60 21.81 -2.40
CA GLY C 64 12.36 21.99 -1.67
C GLY C 64 11.80 20.66 -1.22
N LEU C 65 10.56 20.71 -0.74
CA LEU C 65 9.86 19.52 -0.29
C LEU C 65 9.15 18.86 -1.46
N TYR C 66 9.25 17.53 -1.51
CA TYR C 66 8.66 16.76 -2.58
C TYR C 66 7.92 15.57 -1.98
N LEU C 67 6.84 15.17 -2.65
CA LEU C 67 6.14 13.93 -2.33
C LEU C 67 6.53 12.90 -3.38
N ILE C 68 7.01 11.74 -2.92
CA ILE C 68 7.56 10.69 -3.77
C ILE C 68 6.75 9.43 -3.56
N TYR C 69 6.30 8.81 -4.65
CA TYR C 69 5.52 7.59 -4.54
C TYR C 69 5.89 6.65 -5.67
N SER C 70 5.62 5.37 -5.45
CA SER C 70 5.89 4.36 -6.46
C SER C 70 5.09 3.11 -6.15
N GLN C 71 4.81 2.33 -7.19
CA GLN C 71 4.11 1.06 -6.98
C GLN C 71 4.50 0.08 -8.07
N VAL C 72 4.68 -1.19 -7.66
CA VAL C 72 5.00 -2.26 -8.60
C VAL C 72 4.11 -3.45 -8.32
N LEU C 73 4.02 -4.34 -9.30
CA LEU C 73 3.24 -5.56 -9.20
C LEU C 73 4.07 -6.72 -9.71
N PHE C 74 4.13 -7.80 -8.95
CA PHE C 74 4.83 -9.02 -9.34
C PHE C 74 3.83 -10.12 -9.59
N LYS C 75 4.11 -10.98 -10.57
CA LYS C 75 3.26 -12.11 -10.91
C LYS C 75 4.11 -13.36 -11.08
N GLY C 76 3.58 -14.50 -10.65
CA GLY C 76 4.32 -15.73 -10.84
C GLY C 76 3.44 -16.96 -10.98
N GLN C 77 3.71 -17.79 -11.96
CA GLN C 77 3.02 -19.06 -12.08
C GLN C 77 3.64 -20.06 -11.13
N GLY C 78 2.81 -20.85 -10.45
CA GLY C 78 3.34 -21.83 -9.52
C GLY C 78 4.14 -21.16 -8.43
N CYS C 79 5.23 -21.83 -8.02
CA CYS C 79 6.10 -21.29 -6.99
C CYS C 79 7.44 -22.00 -7.07
N PRO C 80 8.56 -21.27 -6.98
CA PRO C 80 9.86 -21.94 -7.04
C PRO C 80 10.08 -22.82 -5.83
N SER C 81 10.87 -23.88 -6.02
CA SER C 81 11.20 -24.76 -4.90
C SER C 81 11.95 -24.00 -3.83
N THR C 82 12.90 -23.15 -4.22
CA THR C 82 13.61 -22.33 -3.27
C THR C 82 12.78 -21.12 -2.87
N HIS C 83 12.96 -20.67 -1.63
CA HIS C 83 12.28 -19.47 -1.16
C HIS C 83 12.80 -18.25 -1.90
N VAL C 84 11.88 -17.37 -2.29
CA VAL C 84 12.20 -16.17 -3.05
C VAL C 84 11.68 -14.97 -2.28
N LEU C 85 12.49 -13.92 -2.19
CA LEU C 85 12.12 -12.67 -1.57
C LEU C 85 12.18 -11.55 -2.58
N LEU C 86 11.09 -10.80 -2.72
CA LEU C 86 11.03 -9.67 -3.63
C LEU C 86 11.14 -8.38 -2.85
N THR C 87 11.74 -7.37 -3.47
CA THR C 87 11.92 -6.08 -2.81
C THR C 87 11.63 -4.94 -3.78
N HIS C 88 11.16 -3.83 -3.24
CA HIS C 88 10.98 -2.60 -4.00
C HIS C 88 11.57 -1.46 -3.19
N THR C 89 12.46 -0.68 -3.81
CA THR C 89 13.13 0.39 -3.08
C THR C 89 13.14 1.66 -3.91
N ILE C 90 13.28 2.79 -3.21
CA ILE C 90 13.48 4.10 -3.80
C ILE C 90 14.72 4.71 -3.16
N SER C 91 15.64 5.21 -3.98
CA SER C 91 16.93 5.66 -3.49
C SER C 91 17.28 7.02 -4.07
N ARG C 92 18.12 7.74 -3.34
CA ARG C 92 18.48 9.12 -3.66
C ARG C 92 19.98 9.24 -3.86
N PHE C 93 20.37 9.96 -4.91
CA PHE C 93 21.76 10.28 -5.19
C PHE C 93 21.94 11.77 -4.97
N ALA C 94 22.74 12.12 -3.98
CA ALA C 94 23.01 13.52 -3.67
C ALA C 94 24.05 14.08 -4.63
N VAL C 95 23.85 15.34 -5.02
CA VAL C 95 24.79 15.96 -5.95
C VAL C 95 26.16 16.12 -5.29
N SER C 96 26.18 16.57 -4.04
CA SER C 96 27.42 16.67 -3.28
C SER C 96 27.62 15.39 -2.49
N TYR C 97 28.87 15.12 -2.12
CA TYR C 97 29.30 13.90 -1.46
C TYR C 97 28.57 12.68 -2.03
N GLN C 98 28.84 12.45 -3.30
CA GLN C 98 28.10 11.48 -4.11
C GLN C 98 27.91 10.16 -3.37
N THR C 99 26.65 9.83 -3.11
CA THR C 99 26.29 8.64 -2.35
C THR C 99 25.01 8.08 -2.93
N LYS C 100 24.40 7.14 -2.20
CA LYS C 100 23.12 6.57 -2.60
C LYS C 100 22.42 6.10 -1.34
N VAL C 101 21.53 6.94 -0.80
CA VAL C 101 20.85 6.67 0.45
C VAL C 101 19.51 6.04 0.15
N ASN C 102 19.02 5.23 1.08
CA ASN C 102 17.74 4.55 0.94
C ASN C 102 16.66 5.36 1.64
N LEU C 103 15.66 5.80 0.89
CA LEU C 103 14.58 6.58 1.45
C LEU C 103 13.42 5.69 1.88
N LEU C 104 12.84 4.94 0.95
CA LEU C 104 11.72 4.06 1.23
C LEU C 104 12.03 2.69 0.66
N SER C 105 11.64 1.64 1.39
CA SER C 105 11.92 0.29 0.93
C SER C 105 10.89 -0.67 1.52
N ALA C 106 10.69 -1.79 0.84
CA ALA C 106 9.79 -2.82 1.34
C ALA C 106 10.17 -4.18 0.75
N ILE C 107 9.84 -5.22 1.51
CA ILE C 107 10.17 -6.61 1.18
C ILE C 107 8.91 -7.45 1.32
N LYS C 108 8.71 -8.38 0.39
CA LYS C 108 7.57 -9.28 0.43
C LYS C 108 8.00 -10.68 0.01
N SER C 109 7.27 -11.68 0.49
CA SER C 109 7.55 -13.07 0.20
C SER C 109 6.26 -13.78 -0.18
N PRO C 110 6.11 -14.21 -1.43
CA PRO C 110 4.83 -14.77 -1.88
C PRO C 110 4.71 -16.28 -1.77
N CYS C 111 5.76 -16.99 -1.39
CA CYS C 111 5.77 -18.44 -1.40
C CYS C 111 5.83 -18.98 0.02
N GLN C 112 4.86 -19.84 0.37
CA GLN C 112 4.86 -20.52 1.65
C GLN C 112 5.18 -22.00 1.54
N ARG C 113 4.94 -22.61 0.39
CA ARG C 113 5.23 -24.02 0.19
C ARG C 113 5.51 -24.28 -1.28
N GLU C 114 6.36 -25.27 -1.55
CA GLU C 114 6.73 -25.66 -2.90
C GLU C 114 7.31 -24.50 -3.69
N ALA C 121 0.65 -24.48 -9.54
CA ALA C 121 -0.04 -24.49 -10.83
C ALA C 121 -0.71 -23.15 -11.10
N LYS C 122 -1.50 -22.69 -10.14
CA LYS C 122 -2.22 -21.43 -10.29
C LYS C 122 -1.27 -20.25 -10.12
N PRO C 123 -1.52 -19.14 -10.80
CA PRO C 123 -0.66 -17.96 -10.66
C PRO C 123 -0.94 -17.20 -9.39
N TRP C 124 0.00 -16.32 -9.04
CA TRP C 124 -0.15 -15.45 -7.89
C TRP C 124 0.30 -14.04 -8.26
N TYR C 125 -0.34 -13.05 -7.61
CA TYR C 125 -0.07 -11.64 -7.82
C TYR C 125 0.27 -11.01 -6.48
N GLU C 126 1.21 -10.05 -6.49
CA GLU C 126 1.59 -9.32 -5.28
C GLU C 126 1.90 -7.86 -5.60
N PRO C 127 1.14 -6.90 -5.05
CA PRO C 127 1.48 -5.50 -5.22
C PRO C 127 2.32 -4.96 -4.08
N ILE C 128 3.10 -3.93 -4.37
CA ILE C 128 3.89 -3.22 -3.36
C ILE C 128 3.80 -1.73 -3.65
N TYR C 129 3.52 -0.94 -2.61
CA TYR C 129 3.36 0.50 -2.73
C TYR C 129 4.22 1.21 -1.71
N LEU C 130 4.79 2.35 -2.10
CA LEU C 130 5.61 3.17 -1.21
C LEU C 130 5.34 4.63 -1.47
N GLY C 131 5.38 5.44 -0.41
CA GLY C 131 5.15 6.86 -0.56
C GLY C 131 5.65 7.61 0.66
N GLY C 132 6.07 8.85 0.44
CA GLY C 132 6.63 9.63 1.53
C GLY C 132 6.89 11.06 1.10
N VAL C 133 7.35 11.86 2.06
CA VAL C 133 7.64 13.27 1.84
C VAL C 133 9.07 13.54 2.26
N PHE C 134 9.85 14.15 1.38
CA PHE C 134 11.27 14.35 1.66
C PHE C 134 11.71 15.72 1.18
N GLN C 135 12.76 16.25 1.82
CA GLN C 135 13.36 17.51 1.42
C GLN C 135 14.59 17.22 0.58
N LEU C 136 14.60 17.73 -0.65
CA LEU C 136 15.64 17.41 -1.61
C LEU C 136 16.28 18.68 -2.13
N GLU C 137 17.56 18.57 -2.47
CA GLU C 137 18.31 19.68 -3.04
C GLU C 137 18.17 19.66 -4.56
N LYS C 138 18.90 20.55 -5.24
CA LYS C 138 18.84 20.65 -6.68
C LYS C 138 19.86 19.73 -7.31
N GLY C 139 19.43 18.94 -8.28
CA GLY C 139 20.31 18.01 -8.95
C GLY C 139 20.39 16.63 -8.34
N ASP C 140 19.71 16.39 -7.22
CA ASP C 140 19.63 15.05 -6.67
C ASP C 140 18.84 14.16 -7.61
N ARG C 141 19.22 12.89 -7.72
CA ARG C 141 18.59 11.98 -8.66
C ARG C 141 17.92 10.83 -7.91
N LEU C 142 16.64 10.64 -8.14
CA LEU C 142 15.88 9.58 -7.49
C LEU C 142 15.71 8.40 -8.43
N SER C 143 15.71 7.20 -7.86
CA SER C 143 15.60 6.00 -8.67
C SER C 143 14.86 4.91 -7.93
N ALA C 144 13.92 4.25 -8.61
CA ALA C 144 13.13 3.18 -8.04
C ALA C 144 13.54 1.86 -8.67
N GLU C 145 13.83 0.86 -7.83
CA GLU C 145 14.42 -0.38 -8.30
C GLU C 145 13.78 -1.59 -7.64
N ILE C 146 13.90 -2.72 -8.32
CA ILE C 146 13.48 -4.03 -7.84
C ILE C 146 14.65 -4.99 -8.03
N ASN C 147 14.42 -6.27 -7.71
CA ASN C 147 15.50 -7.23 -7.73
C ASN C 147 15.28 -8.42 -8.64
N LEU C 148 14.04 -8.74 -9.02
CA LEU C 148 13.75 -9.88 -9.89
C LEU C 148 12.86 -9.41 -11.04
N PRO C 149 13.45 -8.75 -12.05
CA PRO C 149 12.62 -8.21 -13.13
C PRO C 149 11.86 -9.27 -13.90
N ASN C 150 12.31 -10.52 -13.90
CA ASN C 150 11.60 -11.54 -14.64
C ASN C 150 10.24 -11.87 -14.03
N TYR C 151 9.96 -11.41 -12.82
CA TYR C 151 8.68 -11.61 -12.17
C TYR C 151 7.75 -10.42 -12.33
N LEU C 152 8.18 -9.37 -13.01
CA LEU C 152 7.39 -8.15 -13.08
C LEU C 152 6.20 -8.30 -14.01
N ASP C 153 5.22 -7.42 -13.83
CA ASP C 153 3.99 -7.39 -14.63
C ASP C 153 3.79 -5.99 -15.19
N PHE C 154 4.26 -5.75 -16.41
CA PHE C 154 4.04 -4.50 -17.12
C PHE C 154 3.03 -4.67 -18.25
N ALA C 155 2.19 -5.69 -18.17
CA ALA C 155 1.27 -5.97 -19.26
C ALA C 155 0.20 -4.89 -19.37
N GLU C 156 -0.61 -4.72 -18.34
CA GLU C 156 -1.70 -3.76 -18.38
C GLU C 156 -1.19 -2.38 -17.99
N SER C 157 -2.12 -1.44 -17.92
CA SER C 157 -1.80 -0.05 -17.63
C SER C 157 -2.04 0.25 -16.16
N GLY C 158 -1.23 1.14 -15.60
CA GLY C 158 -1.41 1.55 -14.23
C GLY C 158 -1.07 0.49 -13.21
N GLN C 159 -0.30 -0.52 -13.58
CA GLN C 159 0.13 -1.53 -12.63
C GLN C 159 1.53 -1.31 -12.10
N VAL C 160 2.37 -0.54 -12.80
CA VAL C 160 3.69 -0.16 -12.34
C VAL C 160 3.88 1.31 -12.65
N TYR C 161 4.28 2.09 -11.65
CA TYR C 161 4.48 3.52 -11.90
C TYR C 161 5.35 4.12 -10.81
N PHE C 162 5.86 5.32 -11.08
CA PHE C 162 6.72 5.99 -10.12
C PHE C 162 6.66 7.48 -10.40
N GLY C 163 6.52 8.30 -9.35
CA GLY C 163 6.30 9.72 -9.58
C GLY C 163 6.64 10.57 -8.38
N ILE C 164 6.79 11.87 -8.66
CA ILE C 164 7.09 12.88 -7.65
C ILE C 164 6.31 14.15 -7.96
N ILE C 165 6.03 14.92 -6.91
CA ILE C 165 5.37 16.22 -7.06
C ILE C 165 5.99 17.20 -6.07
N ALA C 166 6.23 18.43 -6.52
CA ALA C 166 6.82 19.46 -5.67
C ALA C 166 5.72 20.28 -5.00
N LEU C 167 5.95 20.62 -3.74
CA LEU C 167 4.93 21.30 -2.96
C LEU C 167 5.48 21.85 -1.65
N VAL D 12 -26.47 9.77 24.47
CA VAL D 12 -25.06 9.55 24.75
C VAL D 12 -24.86 9.12 26.19
N GLN D 13 -25.52 8.03 26.58
CA GLN D 13 -25.40 7.48 27.92
C GLN D 13 -24.81 6.08 27.85
N LEU D 14 -24.11 5.70 28.91
CA LEU D 14 -23.43 4.41 29.01
C LEU D 14 -23.78 3.77 30.34
N VAL D 15 -24.61 2.74 30.31
CA VAL D 15 -25.10 2.08 31.52
C VAL D 15 -24.16 0.95 31.91
N GLU D 16 -23.85 0.84 33.19
CA GLU D 16 -22.96 -0.17 33.71
C GLU D 16 -23.72 -1.09 34.65
N SER D 17 -23.17 -2.28 34.86
CA SER D 17 -23.80 -3.31 35.66
C SER D 17 -22.76 -4.35 36.05
N GLY D 18 -23.22 -5.49 36.55
CA GLY D 18 -22.35 -6.61 36.89
C GLY D 18 -21.71 -6.55 38.26
N GLY D 19 -22.03 -5.55 39.07
CA GLY D 19 -21.42 -5.42 40.37
C GLY D 19 -21.93 -6.42 41.38
N GLY D 20 -21.27 -6.42 42.54
CA GLY D 20 -21.62 -7.35 43.61
C GLY D 20 -20.45 -7.51 44.57
N LEU D 21 -20.52 -8.56 45.36
CA LEU D 21 -19.48 -8.90 46.31
C LEU D 21 -18.79 -10.18 45.88
N VAL D 22 -17.46 -10.17 45.87
CA VAL D 22 -16.66 -11.32 45.49
C VAL D 22 -15.66 -11.62 46.59
N GLN D 23 -15.71 -12.85 47.11
CA GLN D 23 -14.69 -13.28 48.06
C GLN D 23 -13.37 -13.48 47.34
N PRO D 24 -12.24 -13.24 48.02
CA PRO D 24 -10.95 -13.25 47.32
C PRO D 24 -10.67 -14.57 46.61
N GLY D 25 -10.06 -14.47 45.43
CA GLY D 25 -9.84 -15.61 44.58
C GLY D 25 -10.98 -15.92 43.62
N GLY D 26 -12.04 -15.10 43.60
CA GLY D 26 -13.18 -15.33 42.75
C GLY D 26 -13.02 -14.74 41.36
N SER D 27 -14.15 -14.46 40.72
CA SER D 27 -14.15 -13.93 39.37
C SER D 27 -15.48 -13.23 39.10
N LEU D 28 -15.44 -11.92 38.89
CA LEU D 28 -16.60 -11.13 38.53
C LEU D 28 -16.57 -10.84 37.03
N ARG D 29 -17.57 -10.07 36.57
CA ARG D 29 -17.61 -9.66 35.16
C ARG D 29 -18.55 -8.48 35.01
N LEU D 30 -18.02 -7.33 34.63
CA LEU D 30 -18.82 -6.12 34.48
C LEU D 30 -19.26 -5.97 33.03
N SER D 31 -19.97 -4.89 32.74
CA SER D 31 -20.48 -4.67 31.39
C SER D 31 -20.90 -3.22 31.21
N CYS D 32 -20.91 -2.78 29.95
CA CYS D 32 -21.32 -1.45 29.56
C CYS D 32 -22.03 -1.50 28.22
N ALA D 33 -23.01 -0.62 28.06
CA ALA D 33 -23.70 -0.40 26.80
C ALA D 33 -23.49 1.05 26.38
N ALA D 34 -23.87 1.37 25.16
CA ALA D 34 -23.68 2.72 24.65
C ALA D 34 -24.75 3.04 23.62
N SER D 35 -24.96 4.34 23.42
CA SER D 35 -25.89 4.82 22.41
C SER D 35 -25.60 6.29 22.14
N GLY D 36 -26.17 6.79 21.06
CA GLY D 36 -26.01 8.18 20.70
C GLY D 36 -24.77 8.52 19.91
N PHE D 37 -23.94 7.53 19.59
CA PHE D 37 -22.75 7.77 18.78
C PHE D 37 -22.37 6.47 18.08
N THR D 38 -21.52 6.60 17.07
CA THR D 38 -21.04 5.43 16.32
C THR D 38 -20.06 4.66 17.19
N PHE D 39 -20.54 3.59 17.81
CA PHE D 39 -19.72 2.83 18.74
C PHE D 39 -18.53 2.17 18.06
N SER D 40 -18.55 2.02 16.73
CA SER D 40 -17.47 1.37 16.01
C SER D 40 -16.38 2.34 15.61
N ASP D 41 -16.25 3.47 16.30
CA ASP D 41 -15.20 4.44 15.99
C ASP D 41 -14.25 4.65 17.15
N TYR D 42 -14.76 4.99 18.33
CA TYR D 42 -13.94 5.51 19.41
C TYR D 42 -13.29 4.38 20.20
N TRP D 43 -12.09 4.67 20.72
CA TRP D 43 -11.50 3.83 21.73
C TRP D 43 -12.34 3.90 23.00
N MET D 44 -12.36 2.81 23.74
CA MET D 44 -13.14 2.74 24.97
C MET D 44 -12.23 2.50 26.15
N TYR D 45 -12.58 3.07 27.30
CA TYR D 45 -11.74 3.03 28.48
C TYR D 45 -12.55 2.61 29.69
N TRP D 46 -12.08 1.59 30.40
CA TRP D 46 -12.60 1.22 31.71
C TRP D 46 -11.79 1.95 32.77
N VAL D 47 -12.46 2.82 33.54
CA VAL D 47 -11.82 3.59 34.60
C VAL D 47 -12.39 3.13 35.94
N ARG D 48 -11.61 3.37 36.99
CA ARG D 48 -11.99 3.01 38.35
C ARG D 48 -11.71 4.17 39.29
N GLN D 49 -12.71 4.52 40.10
CA GLN D 49 -12.57 5.52 41.13
C GLN D 49 -12.61 4.82 42.49
N ALA D 50 -11.56 5.00 43.27
CA ALA D 50 -11.55 4.32 44.54
C ALA D 50 -11.94 5.27 45.66
N PRO D 51 -12.58 4.76 46.73
CA PRO D 51 -12.93 5.63 47.85
C PRO D 51 -11.70 6.12 48.60
N GLY D 52 -11.44 7.42 48.50
CA GLY D 52 -10.30 8.01 49.15
C GLY D 52 -9.04 8.08 48.32
N LYS D 53 -9.14 7.81 47.02
CA LYS D 53 -7.98 7.85 46.13
C LYS D 53 -8.37 8.60 44.85
N GLY D 54 -7.40 8.73 43.95
CA GLY D 54 -7.64 9.39 42.68
C GLY D 54 -8.37 8.51 41.70
N LEU D 55 -8.65 9.08 40.53
CA LEU D 55 -9.34 8.38 39.46
C LEU D 55 -8.30 7.88 38.45
N GLU D 56 -8.25 6.58 38.25
CA GLU D 56 -7.26 5.97 37.37
C GLU D 56 -7.93 5.08 36.35
N TRP D 57 -7.33 4.98 35.17
CA TRP D 57 -7.83 4.09 34.14
C TRP D 57 -7.34 2.67 34.39
N VAL D 58 -8.15 1.69 33.98
CA VAL D 58 -7.82 0.30 34.22
C VAL D 58 -7.70 -0.44 32.91
N SER D 59 -8.37 0.04 31.86
CA SER D 59 -8.27 -0.65 30.58
C SER D 59 -8.53 0.30 29.42
N LYS D 60 -7.82 0.08 28.32
CA LYS D 60 -8.01 0.81 27.06
C LYS D 60 -8.16 -0.18 25.93
N ILE D 61 -9.11 0.08 25.02
CA ILE D 61 -9.28 -0.76 23.84
C ILE D 61 -9.59 0.13 22.65
N ASN D 62 -9.21 -0.35 21.47
CA ASN D 62 -9.33 0.41 20.24
C ASN D 62 -10.56 -0.01 19.46
N THR D 63 -10.70 0.53 18.24
CA THR D 63 -11.91 0.33 17.47
C THR D 63 -12.12 -1.13 17.11
N ASN D 64 -11.12 -1.78 16.52
CA ASN D 64 -11.29 -3.14 16.04
C ASN D 64 -10.93 -4.19 17.08
N GLY D 65 -10.58 -3.78 18.30
CA GLY D 65 -10.44 -4.71 19.41
C GLY D 65 -9.17 -5.52 19.44
N LEU D 66 -8.16 -5.18 18.65
CA LEU D 66 -6.91 -5.91 18.66
C LEU D 66 -5.80 -5.19 19.41
N ILE D 67 -6.07 -4.03 19.99
CA ILE D 67 -5.11 -3.30 20.81
C ILE D 67 -5.67 -3.19 22.21
N THR D 68 -4.94 -3.70 23.19
CA THR D 68 -5.37 -3.73 24.59
C THR D 68 -4.26 -3.19 25.47
N LYS D 69 -4.63 -2.44 26.51
CA LYS D 69 -3.64 -1.83 27.38
C LYS D 69 -4.12 -1.87 28.82
N TYR D 70 -3.21 -2.25 29.73
CA TYR D 70 -3.49 -2.29 31.16
C TYR D 70 -2.36 -1.64 31.93
N PRO D 71 -2.63 -1.13 33.13
CA PRO D 71 -1.55 -0.72 34.03
C PRO D 71 -0.90 -1.91 34.70
N ASP D 72 0.29 -1.68 35.24
CA ASP D 72 1.06 -2.75 35.85
C ASP D 72 0.40 -3.26 37.12
N SER D 73 -0.39 -2.43 37.79
CA SER D 73 -1.08 -2.86 39.00
C SER D 73 -2.24 -3.80 38.73
N VAL D 74 -2.64 -3.96 37.47
CA VAL D 74 -3.83 -4.72 37.13
C VAL D 74 -3.47 -5.81 36.11
N LYS D 75 -2.39 -5.58 35.37
CA LYS D 75 -2.04 -6.45 34.25
C LYS D 75 -1.90 -7.90 34.71
N GLY D 76 -2.51 -8.81 33.96
CA GLY D 76 -2.41 -10.23 34.20
C GLY D 76 -3.67 -10.88 34.69
N ARG D 77 -4.62 -10.09 35.23
CA ARG D 77 -5.82 -10.65 35.83
C ARG D 77 -7.11 -10.13 35.20
N PHE D 78 -7.04 -9.16 34.30
CA PHE D 78 -8.21 -8.59 33.67
C PHE D 78 -8.29 -9.03 32.20
N THR D 79 -9.47 -8.87 31.63
CA THR D 79 -9.62 -9.09 30.18
C THR D 79 -10.70 -8.17 29.64
N ILE D 80 -10.37 -7.35 28.65
CA ILE D 80 -11.32 -6.41 28.07
C ILE D 80 -11.71 -6.89 26.69
N SER D 81 -12.89 -6.49 26.25
CA SER D 81 -13.43 -6.90 24.95
C SER D 81 -14.61 -6.00 24.62
N ARG D 82 -15.14 -6.18 23.41
CA ARG D 82 -16.29 -5.40 22.99
C ARG D 82 -17.05 -6.16 21.91
N ASP D 83 -18.29 -5.74 21.69
CA ASP D 83 -19.09 -6.22 20.57
C ASP D 83 -19.73 -5.00 19.92
N ASN D 84 -19.32 -4.72 18.68
CA ASN D 84 -19.75 -3.51 17.98
C ASN D 84 -21.15 -3.62 17.41
N ALA D 85 -21.60 -4.84 17.08
CA ALA D 85 -22.94 -5.01 16.54
C ALA D 85 -24.00 -4.62 17.57
N LYS D 86 -23.80 -5.00 18.83
CA LYS D 86 -24.73 -4.69 19.90
C LYS D 86 -24.32 -3.46 20.70
N ASN D 87 -23.24 -2.77 20.31
CA ASN D 87 -22.78 -1.55 20.97
C ASN D 87 -22.55 -1.78 22.47
N THR D 88 -21.67 -2.74 22.77
CA THR D 88 -21.41 -3.11 24.14
C THR D 88 -19.91 -3.30 24.38
N LEU D 89 -19.50 -3.11 25.63
CA LEU D 89 -18.12 -3.24 26.06
C LEU D 89 -18.09 -4.07 27.34
N TYR D 90 -17.07 -4.90 27.50
CA TYR D 90 -17.02 -5.91 28.54
C TYR D 90 -15.87 -5.63 29.51
N LEU D 91 -15.79 -6.48 30.54
CA LEU D 91 -14.63 -6.54 31.42
C LEU D 91 -14.72 -7.80 32.27
N GLN D 92 -13.71 -8.66 32.18
CA GLN D 92 -13.68 -9.95 32.86
C GLN D 92 -12.65 -9.92 33.97
N MET D 93 -13.10 -10.30 35.17
CA MET D 93 -12.38 -10.17 36.42
C MET D 93 -11.85 -11.53 36.84
N ASN D 94 -10.58 -11.61 37.20
CA ASN D 94 -9.98 -12.88 37.60
C ASN D 94 -9.06 -12.69 38.79
N SER D 95 -9.21 -13.55 39.80
CA SER D 95 -8.31 -13.60 40.96
C SER D 95 -8.22 -12.25 41.66
N LEU D 96 -9.37 -11.80 42.16
CA LEU D 96 -9.47 -10.46 42.72
C LEU D 96 -8.77 -10.35 44.07
N ARG D 97 -8.53 -9.11 44.47
CA ARG D 97 -7.83 -8.71 45.68
C ARG D 97 -8.60 -7.59 46.34
N PRO D 98 -8.35 -7.32 47.63
CA PRO D 98 -8.99 -6.16 48.27
C PRO D 98 -8.63 -4.83 47.63
N GLU D 99 -7.54 -4.75 46.86
CA GLU D 99 -7.18 -3.50 46.20
C GLU D 99 -8.20 -3.10 45.15
N ASP D 100 -8.90 -4.07 44.56
CA ASP D 100 -9.90 -3.79 43.53
C ASP D 100 -11.28 -3.58 44.14
N THR D 101 -11.36 -2.69 45.11
CA THR D 101 -12.61 -2.37 45.80
C THR D 101 -12.92 -0.91 45.50
N ALA D 102 -13.76 -0.67 44.51
CA ALA D 102 -13.97 0.69 44.02
C ALA D 102 -15.17 0.72 43.08
N VAL D 103 -15.51 1.91 42.61
CA VAL D 103 -16.55 2.07 41.61
C VAL D 103 -15.91 2.03 40.23
N TYR D 104 -16.59 1.43 39.27
CA TYR D 104 -16.06 1.27 37.92
C TYR D 104 -17.00 1.95 36.92
N TYR D 105 -16.40 2.67 35.99
CA TYR D 105 -17.13 3.37 34.94
C TYR D 105 -16.56 2.98 33.58
N CYS D 106 -17.42 3.07 32.56
CA CYS D 106 -17.02 2.98 31.16
C CYS D 106 -17.10 4.36 30.54
N ALA D 107 -16.06 4.74 29.80
CA ALA D 107 -15.95 6.10 29.32
C ALA D 107 -15.18 6.12 28.00
N ARG D 108 -15.16 7.28 27.37
CA ARG D 108 -14.44 7.47 26.12
C ARG D 108 -13.03 8.02 26.32
N SER D 109 -12.66 8.37 27.55
CA SER D 109 -11.34 8.90 27.84
C SER D 109 -10.74 8.19 29.05
N PRO D 110 -9.43 7.96 29.07
CA PRO D 110 -8.83 7.27 30.22
C PRO D 110 -8.92 8.05 31.51
N SER D 111 -9.09 9.37 31.44
CA SER D 111 -9.21 10.21 32.61
C SER D 111 -10.66 10.38 33.07
N GLY D 112 -11.60 9.73 32.41
CA GLY D 112 -13.00 9.89 32.77
C GLY D 112 -13.69 10.95 31.95
N PHE D 113 -14.65 10.52 31.13
CA PHE D 113 -15.43 11.44 30.32
C PHE D 113 -16.67 10.69 29.83
N ASN D 114 -17.84 11.26 30.07
CA ASN D 114 -19.11 10.64 29.68
C ASN D 114 -19.29 9.28 30.35
N ARG D 115 -19.33 9.30 31.68
CA ARG D 115 -19.62 8.13 32.48
C ARG D 115 -20.95 8.38 33.18
N GLY D 116 -22.03 7.89 32.56
CA GLY D 116 -23.36 8.14 33.08
C GLY D 116 -23.57 7.61 34.49
N GLN D 117 -23.19 6.36 34.70
CA GLN D 117 -23.32 5.71 36.00
C GLN D 117 -22.02 5.01 36.35
N GLY D 118 -22.00 4.37 37.51
CA GLY D 118 -20.87 3.56 37.93
C GLY D 118 -21.37 2.41 38.77
N THR D 119 -20.64 1.31 38.73
CA THR D 119 -21.03 0.12 39.49
C THR D 119 -19.94 -0.23 40.50
N LEU D 120 -20.36 -0.55 41.71
CA LEU D 120 -19.44 -0.79 42.81
C LEU D 120 -19.02 -2.25 42.85
N VAL D 121 -17.72 -2.49 43.01
CA VAL D 121 -17.19 -3.83 43.20
C VAL D 121 -16.41 -3.83 44.51
N THR D 122 -16.81 -4.70 45.43
CA THR D 122 -16.18 -4.84 46.73
C THR D 122 -15.65 -6.25 46.88
N VAL D 123 -14.40 -6.37 47.29
CA VAL D 123 -13.78 -7.67 47.52
C VAL D 123 -13.58 -7.84 49.01
N SER D 124 -14.56 -8.42 49.69
CA SER D 124 -14.53 -8.57 51.13
C SER D 124 -13.81 -9.87 51.48
N SER D 125 -12.80 -9.76 52.33
CA SER D 125 -11.99 -10.92 52.71
C SER D 125 -12.54 -11.56 53.99
N VAL E 12 -8.79 3.82 -36.42
CA VAL E 12 -9.63 3.41 -35.30
C VAL E 12 -10.85 2.66 -35.83
N GLN E 13 -10.64 1.41 -36.24
CA GLN E 13 -11.67 0.58 -36.82
C GLN E 13 -11.98 -0.58 -35.89
N LEU E 14 -13.27 -0.84 -35.68
CA LEU E 14 -13.71 -1.96 -34.85
C LEU E 14 -14.65 -2.83 -35.69
N VAL E 15 -14.08 -3.81 -36.37
CA VAL E 15 -14.84 -4.71 -37.22
C VAL E 15 -15.59 -5.72 -36.36
N GLU E 16 -16.70 -6.24 -36.89
CA GLU E 16 -17.51 -7.21 -36.19
C GLU E 16 -17.85 -8.37 -37.13
N SER E 17 -18.23 -9.49 -36.54
CA SER E 17 -18.53 -10.70 -37.29
C SER E 17 -19.41 -11.61 -36.43
N GLY E 18 -19.50 -12.87 -36.82
CA GLY E 18 -20.20 -13.88 -36.04
C GLY E 18 -21.70 -13.93 -36.21
N GLY E 19 -22.26 -13.12 -37.11
CA GLY E 19 -23.69 -13.08 -37.27
C GLY E 19 -24.25 -14.31 -37.97
N GLY E 20 -25.57 -14.43 -37.92
CA GLY E 20 -26.25 -15.56 -38.52
C GLY E 20 -27.66 -15.67 -37.98
N LEU E 21 -28.25 -16.83 -38.21
CA LEU E 21 -29.59 -17.14 -37.73
C LEU E 21 -29.51 -18.33 -36.79
N VAL E 22 -30.08 -18.18 -35.60
CA VAL E 22 -30.05 -19.22 -34.58
C VAL E 22 -31.49 -19.52 -34.18
N GLN E 23 -31.89 -20.78 -34.32
CA GLN E 23 -33.21 -21.19 -33.86
C GLN E 23 -33.24 -21.16 -32.34
N PRO E 24 -34.41 -20.90 -31.74
CA PRO E 24 -34.47 -20.70 -30.29
C PRO E 24 -33.92 -21.89 -29.51
N GLY E 25 -33.21 -21.57 -28.43
CA GLY E 25 -32.49 -22.56 -27.66
C GLY E 25 -31.09 -22.86 -28.15
N GLY E 26 -30.61 -22.16 -29.17
CA GLY E 26 -29.29 -22.37 -29.73
C GLY E 26 -28.23 -21.57 -29.00
N SER E 27 -27.12 -21.34 -29.71
CA SER E 27 -25.99 -20.62 -29.13
C SER E 27 -25.11 -20.06 -30.23
N LEU E 28 -25.03 -18.73 -30.32
CA LEU E 28 -24.16 -18.05 -31.26
C LEU E 28 -22.92 -17.55 -30.52
N ARG E 29 -22.02 -16.87 -31.24
CA ARG E 29 -20.83 -16.30 -30.63
C ARG E 29 -20.28 -15.21 -31.53
N LEU E 30 -20.38 -13.96 -31.10
CA LEU E 30 -19.93 -12.85 -31.91
C LEU E 30 -18.45 -12.58 -31.63
N SER E 31 -17.89 -11.57 -32.30
CA SER E 31 -16.50 -11.20 -32.09
C SER E 31 -16.26 -9.82 -32.68
N CYS E 32 -15.18 -9.18 -32.24
CA CYS E 32 -14.88 -7.83 -32.67
C CYS E 32 -13.38 -7.60 -32.51
N ALA E 33 -12.85 -6.72 -33.35
CA ALA E 33 -11.43 -6.36 -33.34
C ALA E 33 -11.29 -4.86 -33.10
N ALA E 34 -10.04 -4.42 -33.00
CA ALA E 34 -9.79 -3.00 -32.77
C ALA E 34 -8.38 -2.67 -33.23
N SER E 35 -8.15 -1.37 -33.46
CA SER E 35 -6.84 -0.87 -33.85
C SER E 35 -6.87 0.64 -33.70
N GLY E 36 -5.68 1.25 -33.76
CA GLY E 36 -5.56 2.69 -33.68
C GLY E 36 -5.48 3.25 -32.28
N PHE E 37 -5.52 2.40 -31.25
CA PHE E 37 -5.41 2.87 -29.87
C PHE E 37 -4.88 1.72 -29.02
N THR E 38 -4.44 2.07 -27.82
CA THR E 38 -3.94 1.07 -26.87
C THR E 38 -5.11 0.28 -26.33
N PHE E 39 -5.31 -0.93 -26.87
CA PHE E 39 -6.48 -1.72 -26.51
C PHE E 39 -6.48 -2.14 -25.05
N SER E 40 -5.33 -2.12 -24.39
CA SER E 40 -5.23 -2.56 -23.01
C SER E 40 -5.47 -1.43 -22.02
N ASP E 41 -6.20 -0.39 -22.42
CA ASP E 41 -6.52 0.71 -21.53
C ASP E 41 -8.01 0.88 -21.29
N TYR E 42 -8.79 0.98 -22.37
CA TYR E 42 -10.18 1.40 -22.26
C TYR E 42 -11.09 0.24 -21.91
N TRP E 43 -12.16 0.55 -21.19
CA TRP E 43 -13.27 -0.37 -21.05
C TRP E 43 -13.93 -0.56 -22.40
N MET E 44 -14.54 -1.72 -22.61
CA MET E 44 -15.20 -2.01 -23.86
C MET E 44 -16.66 -2.36 -23.60
N TYR E 45 -17.53 -1.96 -24.52
CA TYR E 45 -18.96 -2.12 -24.36
C TYR E 45 -19.56 -2.78 -25.59
N TRP E 46 -20.31 -3.86 -25.36
CA TRP E 46 -21.15 -4.47 -26.39
C TRP E 46 -22.51 -3.80 -26.34
N VAL E 47 -22.90 -3.12 -27.42
CA VAL E 47 -24.15 -2.39 -27.50
C VAL E 47 -25.03 -3.05 -28.58
N ARG E 48 -26.33 -2.87 -28.43
CA ARG E 48 -27.31 -3.48 -29.34
C ARG E 48 -28.32 -2.44 -29.78
N GLN E 49 -28.52 -2.33 -31.10
CA GLN E 49 -29.55 -1.47 -31.68
C GLN E 49 -30.63 -2.34 -32.27
N ALA E 50 -31.86 -2.18 -31.80
CA ALA E 50 -32.91 -3.02 -32.33
C ALA E 50 -33.77 -2.23 -33.30
N PRO E 51 -34.35 -2.90 -34.31
CA PRO E 51 -35.24 -2.20 -35.25
C PRO E 51 -36.51 -1.73 -34.57
N GLY E 52 -36.69 -0.40 -34.52
CA GLY E 52 -37.85 0.18 -33.90
C GLY E 52 -37.75 0.39 -32.41
N LYS E 53 -36.57 0.28 -31.83
CA LYS E 53 -36.37 0.51 -30.41
C LYS E 53 -35.12 1.37 -30.20
N GLY E 54 -34.79 1.62 -28.94
CA GLY E 54 -33.66 2.44 -28.60
C GLY E 54 -32.35 1.68 -28.67
N LEU E 55 -31.27 2.42 -28.42
CA LEU E 55 -29.91 1.88 -28.43
C LEU E 55 -29.50 1.59 -26.99
N GLU E 56 -29.41 0.31 -26.64
CA GLU E 56 -29.13 -0.11 -25.27
C GLU E 56 -27.86 -0.94 -25.23
N TRP E 57 -27.06 -0.73 -24.18
CA TRP E 57 -25.86 -1.52 -23.99
C TRP E 57 -26.23 -2.89 -23.46
N VAL E 58 -25.38 -3.88 -23.77
CA VAL E 58 -25.65 -5.25 -23.39
C VAL E 58 -24.50 -5.78 -22.51
N SER E 59 -23.30 -5.23 -22.67
CA SER E 59 -22.19 -5.71 -21.86
C SER E 59 -21.15 -4.63 -21.65
N LYS E 60 -20.52 -4.63 -20.47
CA LYS E 60 -19.40 -3.76 -20.15
C LYS E 60 -18.27 -4.61 -19.59
N ILE E 61 -17.04 -4.32 -20.01
CA ILE E 61 -15.86 -4.99 -19.46
C ILE E 61 -14.75 -3.97 -19.28
N ASN E 62 -13.87 -4.24 -18.32
CA ASN E 62 -12.81 -3.31 -17.95
C ASN E 62 -11.49 -3.73 -18.57
N THR E 63 -10.41 -3.04 -18.18
CA THR E 63 -9.11 -3.25 -18.81
C THR E 63 -8.59 -4.67 -18.59
N ASN E 64 -8.56 -5.12 -17.34
CA ASN E 64 -7.96 -6.41 -17.03
C ASN E 64 -8.96 -7.55 -17.07
N GLY E 65 -10.21 -7.29 -17.45
CA GLY E 65 -11.15 -8.35 -17.73
C GLY E 65 -11.76 -9.04 -16.53
N LEU E 66 -11.59 -8.51 -15.33
CA LEU E 66 -12.18 -9.12 -14.15
C LEU E 66 -13.43 -8.42 -13.65
N ILE E 67 -13.89 -7.38 -14.35
CA ILE E 67 -15.13 -6.69 -14.01
C ILE E 67 -16.07 -6.82 -15.20
N THR E 68 -17.26 -7.37 -14.95
CA THR E 68 -18.25 -7.63 -15.98
C THR E 68 -19.59 -7.09 -15.54
N LYS E 69 -20.38 -6.56 -16.48
CA LYS E 69 -21.67 -5.99 -16.15
C LYS E 69 -22.68 -6.28 -17.25
N TYR E 70 -23.88 -6.67 -16.86
CA TYR E 70 -24.98 -6.96 -17.76
C TYR E 70 -26.26 -6.31 -17.27
N PRO E 71 -27.19 -5.99 -18.17
CA PRO E 71 -28.53 -5.59 -17.73
C PRO E 71 -29.33 -6.81 -17.30
N ASP E 72 -30.39 -6.53 -16.53
CA ASP E 72 -31.22 -7.60 -15.99
C ASP E 72 -31.94 -8.37 -17.09
N SER E 73 -32.23 -7.71 -18.21
CA SER E 73 -32.91 -8.38 -19.31
C SER E 73 -32.02 -9.37 -20.05
N VAL E 74 -30.73 -9.37 -19.78
CA VAL E 74 -29.79 -10.19 -20.54
C VAL E 74 -28.99 -11.07 -19.59
N LYS E 75 -28.87 -10.62 -18.34
CA LYS E 75 -28.01 -11.31 -17.37
C LYS E 75 -28.42 -12.75 -17.19
N GLY E 76 -27.44 -13.66 -17.23
CA GLY E 76 -27.64 -15.07 -16.99
C GLY E 76 -27.25 -15.95 -18.15
N ARG E 77 -27.38 -15.45 -19.38
CA ARG E 77 -27.14 -16.26 -20.57
C ARG E 77 -26.07 -15.67 -21.48
N PHE E 78 -25.28 -14.73 -21.00
CA PHE E 78 -24.22 -14.11 -21.80
C PHE E 78 -22.88 -14.33 -21.14
N THR E 79 -21.82 -14.02 -21.89
CA THR E 79 -20.45 -14.10 -21.38
C THR E 79 -19.57 -13.27 -22.30
N ILE E 80 -18.86 -12.30 -21.71
CA ILE E 80 -18.01 -11.38 -22.46
C ILE E 80 -16.57 -11.55 -22.00
N SER E 81 -15.64 -11.51 -22.94
CA SER E 81 -14.23 -11.68 -22.63
C SER E 81 -13.42 -10.81 -23.58
N ARG E 82 -12.10 -10.92 -23.48
CA ARG E 82 -11.21 -10.19 -24.38
C ARG E 82 -9.85 -10.86 -24.38
N ASP E 83 -9.05 -10.53 -25.39
CA ASP E 83 -7.66 -10.95 -25.46
C ASP E 83 -6.82 -9.73 -25.83
N ASN E 84 -6.08 -9.20 -24.86
CA ASN E 84 -5.38 -7.94 -25.05
C ASN E 84 -4.19 -8.06 -25.97
N ALA E 85 -3.60 -9.25 -26.11
CA ALA E 85 -2.46 -9.42 -27.00
C ALA E 85 -2.85 -9.23 -28.45
N LYS E 86 -4.03 -9.75 -28.84
CA LYS E 86 -4.50 -9.68 -30.22
C LYS E 86 -5.46 -8.54 -30.48
N ASN E 87 -5.76 -7.72 -29.46
CA ASN E 87 -6.66 -6.57 -29.59
C ASN E 87 -8.03 -7.00 -30.13
N THR E 88 -8.70 -7.85 -29.35
CA THR E 88 -9.99 -8.40 -29.74
C THR E 88 -10.93 -8.41 -28.55
N LEU E 89 -12.23 -8.48 -28.85
CA LEU E 89 -13.29 -8.50 -27.86
C LEU E 89 -14.32 -9.55 -28.27
N TYR E 90 -14.88 -10.26 -27.31
CA TYR E 90 -15.71 -11.42 -27.56
C TYR E 90 -17.13 -11.17 -27.08
N LEU E 91 -17.99 -12.16 -27.34
CA LEU E 91 -19.33 -12.22 -26.77
C LEU E 91 -19.95 -13.58 -27.05
N GLN E 92 -20.46 -14.25 -26.02
CA GLN E 92 -20.98 -15.61 -26.14
C GLN E 92 -22.49 -15.59 -25.98
N MET E 93 -23.18 -16.14 -26.97
CA MET E 93 -24.64 -16.21 -27.00
C MET E 93 -25.09 -17.58 -26.52
N ASN E 94 -25.99 -17.61 -25.55
CA ASN E 94 -26.47 -18.87 -25.00
C ASN E 94 -27.97 -18.80 -24.76
N SER E 95 -28.69 -19.83 -25.19
CA SER E 95 -30.13 -19.96 -24.95
C SER E 95 -30.89 -18.74 -25.46
N LEU E 96 -30.81 -18.52 -26.77
CA LEU E 96 -31.31 -17.29 -27.37
C LEU E 96 -32.84 -17.26 -27.38
N ARG E 97 -33.36 -16.06 -27.57
CA ARG E 97 -34.79 -15.76 -27.57
C ARG E 97 -35.08 -14.84 -28.73
N PRO E 98 -36.35 -14.74 -29.15
CA PRO E 98 -36.71 -13.75 -30.18
C PRO E 98 -36.45 -12.31 -29.76
N GLU E 99 -36.31 -12.03 -28.46
CA GLU E 99 -36.04 -10.66 -28.02
C GLU E 99 -34.67 -10.17 -28.45
N ASP E 100 -33.73 -11.08 -28.71
CA ASP E 100 -32.37 -10.71 -29.10
C ASP E 100 -32.23 -10.65 -30.62
N THR E 101 -33.11 -9.91 -31.27
CA THR E 101 -33.11 -9.76 -32.73
C THR E 101 -32.73 -8.31 -33.03
N ALA E 102 -31.45 -8.07 -33.32
CA ALA E 102 -30.96 -6.71 -33.48
C ALA E 102 -29.55 -6.75 -34.04
N VAL E 103 -28.98 -5.55 -34.21
CA VAL E 103 -27.61 -5.40 -34.69
C VAL E 103 -26.71 -5.09 -33.50
N TYR E 104 -25.56 -5.76 -33.44
CA TYR E 104 -24.67 -5.65 -32.29
C TYR E 104 -23.36 -5.00 -32.70
N TYR E 105 -22.93 -4.01 -31.92
CA TYR E 105 -21.69 -3.30 -32.15
C TYR E 105 -20.79 -3.40 -30.93
N CYS E 106 -19.50 -3.21 -31.16
CA CYS E 106 -18.52 -3.01 -30.09
C CYS E 106 -18.12 -1.54 -30.09
N ALA E 107 -18.06 -0.95 -28.90
CA ALA E 107 -17.83 0.48 -28.78
C ALA E 107 -17.02 0.75 -27.52
N ARG E 108 -16.50 1.97 -27.43
CA ARG E 108 -15.80 2.40 -26.24
C ARG E 108 -16.70 3.04 -25.20
N SER E 109 -17.98 3.26 -25.52
CA SER E 109 -18.93 3.86 -24.60
C SER E 109 -20.22 3.06 -24.60
N PRO E 110 -20.89 2.94 -23.45
CA PRO E 110 -22.13 2.13 -23.41
C PRO E 110 -23.26 2.71 -24.23
N SER E 111 -23.20 4.00 -24.56
CA SER E 111 -24.21 4.65 -25.38
C SER E 111 -23.90 4.59 -26.86
N GLY E 112 -22.81 3.93 -27.24
CA GLY E 112 -22.43 3.87 -28.63
C GLY E 112 -21.41 4.95 -29.00
N PHE E 113 -20.22 4.52 -29.39
CA PHE E 113 -19.17 5.43 -29.81
C PHE E 113 -18.14 4.65 -30.60
N ASN E 114 -17.82 5.12 -31.80
CA ASN E 114 -16.88 4.44 -32.69
C ASN E 114 -17.38 3.04 -33.05
N ARG E 115 -18.54 3.01 -33.71
CA ARG E 115 -19.11 1.78 -34.25
C ARG E 115 -18.78 1.73 -35.73
N GLY E 116 -17.64 1.13 -36.07
CA GLY E 116 -17.22 1.09 -37.46
C GLY E 116 -18.17 0.32 -38.35
N GLN E 117 -18.62 -0.85 -37.88
CA GLN E 117 -19.50 -1.72 -38.65
C GLN E 117 -20.54 -2.32 -37.70
N GLY E 118 -21.25 -3.31 -38.18
CA GLY E 118 -22.25 -3.99 -37.36
C GLY E 118 -22.50 -5.39 -37.88
N THR E 119 -23.29 -6.14 -37.13
CA THR E 119 -23.67 -7.48 -37.52
C THR E 119 -25.02 -7.81 -36.90
N LEU E 120 -25.89 -8.44 -37.69
CA LEU E 120 -27.27 -8.71 -37.30
C LEU E 120 -27.38 -10.12 -36.75
N VAL E 121 -28.08 -10.28 -35.64
CA VAL E 121 -28.36 -11.58 -35.07
C VAL E 121 -29.87 -11.75 -35.03
N THR E 122 -30.39 -12.60 -35.91
CA THR E 122 -31.81 -12.89 -35.99
C THR E 122 -32.09 -14.22 -35.32
N VAL E 123 -33.12 -14.23 -34.48
CA VAL E 123 -33.56 -15.43 -33.78
C VAL E 123 -34.96 -15.74 -34.28
N SER E 124 -35.05 -16.54 -35.32
CA SER E 124 -36.34 -16.88 -35.94
C SER E 124 -36.84 -18.19 -35.34
N SER E 125 -38.10 -18.20 -34.93
CA SER E 125 -38.69 -19.36 -34.28
C SER E 125 -39.45 -20.22 -35.29
N VAL F 12 35.50 8.21 9.55
CA VAL F 12 34.87 7.64 8.35
C VAL F 12 35.93 7.00 7.47
N GLN F 13 36.36 5.79 7.84
CA GLN F 13 37.38 5.09 7.09
C GLN F 13 36.95 3.64 6.89
N LEU F 14 37.45 3.03 5.82
CA LEU F 14 37.10 1.67 5.45
C LEU F 14 38.38 0.88 5.22
N VAL F 15 38.68 -0.02 6.12
CA VAL F 15 39.89 -0.85 6.03
C VAL F 15 39.59 -2.05 5.15
N GLU F 16 40.64 -2.58 4.52
CA GLU F 16 40.51 -3.75 3.66
C GLU F 16 41.54 -4.79 4.08
N SER F 17 41.38 -6.00 3.54
CA SER F 17 42.23 -7.13 3.86
C SER F 17 42.06 -8.19 2.78
N GLY F 18 42.54 -9.40 3.07
CA GLY F 18 42.34 -10.53 2.19
C GLY F 18 43.28 -10.64 1.01
N GLY F 19 44.26 -9.74 0.92
CA GLY F 19 45.17 -9.76 -0.20
C GLY F 19 46.10 -10.96 -0.17
N GLY F 20 46.64 -11.28 -1.35
CA GLY F 20 47.52 -12.42 -1.48
C GLY F 20 47.73 -12.75 -2.95
N LEU F 21 48.36 -13.90 -3.17
CA LEU F 21 48.62 -14.40 -4.51
C LEU F 21 47.84 -15.69 -4.71
N VAL F 22 47.08 -15.76 -5.80
CA VAL F 22 46.29 -16.94 -6.12
C VAL F 22 46.69 -17.42 -7.50
N GLN F 23 47.15 -18.66 -7.59
CA GLN F 23 47.45 -19.24 -8.88
C GLN F 23 46.14 -19.47 -9.66
N PRO F 24 46.19 -19.40 -10.98
CA PRO F 24 44.96 -19.43 -11.77
C PRO F 24 44.11 -20.67 -11.50
N GLY F 25 42.79 -20.45 -11.47
CA GLY F 25 41.86 -21.49 -11.11
C GLY F 25 41.50 -21.57 -9.64
N GLY F 26 42.12 -20.75 -8.80
CA GLY F 26 41.88 -20.77 -7.37
C GLY F 26 40.69 -19.92 -6.96
N SER F 27 40.69 -19.52 -5.70
CA SER F 27 39.60 -18.72 -5.14
C SER F 27 40.12 -17.90 -3.97
N LEU F 28 39.78 -16.61 -3.96
CA LEU F 28 40.26 -15.68 -2.96
C LEU F 28 39.11 -14.81 -2.45
N ARG F 29 39.06 -14.61 -1.14
CA ARG F 29 37.99 -13.83 -0.52
C ARG F 29 38.56 -12.60 0.16
N LEU F 30 37.97 -11.44 -0.11
CA LEU F 30 38.37 -10.20 0.53
C LEU F 30 37.40 -9.87 1.66
N SER F 31 37.57 -8.68 2.23
CA SER F 31 36.70 -8.19 3.29
C SER F 31 37.01 -6.73 3.53
N CYS F 32 36.05 -6.02 4.10
CA CYS F 32 36.19 -4.59 4.34
C CYS F 32 35.31 -4.19 5.50
N ALA F 33 35.72 -3.16 6.21
CA ALA F 33 34.99 -2.66 7.37
C ALA F 33 34.59 -1.21 7.13
N ALA F 34 33.84 -0.64 8.07
CA ALA F 34 33.41 0.75 7.94
C ALA F 34 33.09 1.29 9.33
N SER F 35 33.09 2.61 9.42
CA SER F 35 32.76 3.31 10.67
C SER F 35 32.51 4.77 10.35
N GLY F 36 31.91 5.47 11.30
CA GLY F 36 31.64 6.89 11.17
C GLY F 36 30.35 7.24 10.48
N PHE F 37 29.56 6.25 10.06
CA PHE F 37 28.29 6.52 9.41
C PHE F 37 27.37 5.32 9.63
N THR F 38 26.09 5.53 9.36
CA THR F 38 25.09 4.48 9.50
C THR F 38 25.26 3.50 8.34
N PHE F 39 25.93 2.37 8.61
CA PHE F 39 26.23 1.43 7.54
C PHE F 39 24.99 0.81 6.93
N SER F 40 23.86 0.85 7.62
CA SER F 40 22.63 0.24 7.12
C SER F 40 21.82 1.17 6.23
N ASP F 41 22.46 2.18 5.64
CA ASP F 41 21.78 3.10 4.74
C ASP F 41 22.33 3.07 3.33
N TYR F 42 23.63 3.28 3.17
CA TYR F 42 24.20 3.56 1.85
C TYR F 42 24.43 2.28 1.07
N TRP F 43 24.34 2.40 -0.24
CA TRP F 43 24.84 1.34 -1.13
C TRP F 43 26.35 1.27 -0.99
N MET F 44 26.90 0.10 -1.28
CA MET F 44 28.33 -0.13 -1.20
C MET F 44 28.86 -0.61 -2.53
N TYR F 45 30.09 -0.21 -2.86
CA TYR F 45 30.68 -0.51 -4.14
C TYR F 45 32.09 -1.05 -3.97
N TRP F 46 32.36 -2.19 -4.59
CA TRP F 46 33.71 -2.71 -4.73
C TRP F 46 34.29 -2.20 -6.03
N VAL F 47 35.37 -1.41 -5.95
CA VAL F 47 36.03 -0.84 -7.12
C VAL F 47 37.43 -1.45 -7.24
N ARG F 48 37.95 -1.43 -8.47
CA ARG F 48 39.27 -1.98 -8.77
C ARG F 48 40.06 -0.99 -9.59
N GLN F 49 41.28 -0.70 -9.15
CA GLN F 49 42.21 0.15 -9.90
C GLN F 49 43.36 -0.72 -10.36
N ALA F 50 43.59 -0.76 -11.67
CA ALA F 50 44.64 -1.60 -12.20
C ALA F 50 45.83 -0.76 -12.63
N PRO F 51 47.05 -1.30 -12.52
CA PRO F 51 48.23 -0.55 -12.96
C PRO F 51 48.21 -0.34 -14.47
N GLY F 52 48.21 0.93 -14.88
CA GLY F 52 48.17 1.28 -16.28
C GLY F 52 46.80 1.32 -16.90
N LYS F 53 45.74 1.26 -16.10
CA LYS F 53 44.38 1.31 -16.62
C LYS F 53 43.56 2.25 -15.77
N GLY F 54 42.31 2.47 -16.19
CA GLY F 54 41.41 3.34 -15.46
C GLY F 54 40.84 2.69 -14.22
N LEU F 55 40.02 3.47 -13.51
CA LEU F 55 39.36 3.03 -12.29
C LEU F 55 37.95 2.58 -12.63
N GLU F 56 37.70 1.27 -12.54
CA GLU F 56 36.39 0.70 -12.81
C GLU F 56 35.77 0.19 -11.52
N TRP F 57 34.51 -0.18 -11.60
CA TRP F 57 33.78 -0.77 -10.49
C TRP F 57 33.51 -2.23 -10.77
N VAL F 58 33.59 -3.05 -9.73
CA VAL F 58 33.41 -4.48 -9.86
C VAL F 58 32.12 -4.98 -9.20
N SER F 59 31.61 -4.26 -8.19
CA SER F 59 30.38 -4.74 -7.56
C SER F 59 29.61 -3.58 -6.95
N LYS F 60 28.27 -3.70 -6.98
CA LYS F 60 27.36 -2.77 -6.31
C LYS F 60 26.38 -3.57 -5.47
N ILE F 61 26.09 -3.08 -4.27
CA ILE F 61 25.08 -3.71 -3.42
C ILE F 61 24.28 -2.62 -2.72
N ASN F 62 23.02 -2.91 -2.44
CA ASN F 62 22.11 -1.95 -1.85
C ASN F 62 22.04 -2.15 -0.34
N THR F 63 21.11 -1.43 0.30
CA THR F 63 21.03 -1.43 1.76
C THR F 63 20.70 -2.81 2.31
N ASN F 64 19.64 -3.43 1.83
CA ASN F 64 19.18 -4.69 2.40
C ASN F 64 19.79 -5.92 1.74
N GLY F 65 20.70 -5.73 0.78
CA GLY F 65 21.49 -6.82 0.27
C GLY F 65 20.81 -7.72 -0.73
N LEU F 66 19.64 -7.36 -1.24
CA LEU F 66 18.95 -8.18 -2.22
C LEU F 66 19.12 -7.68 -3.65
N ILE F 67 19.88 -6.61 -3.86
CA ILE F 67 20.15 -6.09 -5.20
C ILE F 67 21.66 -6.14 -5.42
N THR F 68 22.08 -6.83 -6.47
CA THR F 68 23.49 -7.05 -6.78
C THR F 68 23.74 -6.77 -8.25
N LYS F 69 24.84 -6.09 -8.55
CA LYS F 69 25.17 -5.72 -9.91
C LYS F 69 26.65 -5.94 -10.19
N TYR F 70 26.96 -6.52 -11.35
CA TYR F 70 28.32 -6.76 -11.79
C TYR F 70 28.50 -6.33 -13.23
N PRO F 71 29.72 -5.97 -13.63
CA PRO F 71 30.00 -5.77 -15.05
C PRO F 71 30.13 -7.10 -15.78
N ASP F 72 29.98 -7.03 -17.10
CA ASP F 72 30.01 -8.24 -17.90
C ASP F 72 31.38 -8.90 -17.88
N SER F 73 32.44 -8.14 -17.67
CA SER F 73 33.79 -8.69 -17.62
C SER F 73 34.03 -9.53 -16.37
N VAL F 74 33.16 -9.45 -15.37
CA VAL F 74 33.39 -10.11 -14.09
C VAL F 74 32.21 -11.02 -13.76
N LYS F 75 31.05 -10.71 -14.33
CA LYS F 75 29.82 -11.40 -13.97
C LYS F 75 29.97 -12.90 -14.21
N GLY F 76 29.63 -13.69 -13.19
CA GLY F 76 29.57 -15.14 -13.28
C GLY F 76 30.44 -15.85 -12.25
N ARG F 77 31.50 -15.19 -11.77
CA ARG F 77 32.45 -15.83 -10.88
C ARG F 77 32.73 -15.00 -9.64
N PHE F 78 31.88 -14.02 -9.34
CA PHE F 78 32.01 -13.19 -8.15
C PHE F 78 30.76 -13.33 -7.29
N THR F 79 30.86 -12.81 -6.06
CA THR F 79 29.74 -12.82 -5.13
C THR F 79 30.00 -11.79 -4.05
N ILE F 80 29.09 -10.85 -3.88
CA ILE F 80 29.22 -9.78 -2.90
C ILE F 80 28.15 -9.98 -1.83
N SER F 81 28.44 -9.52 -0.63
CA SER F 81 27.54 -9.69 0.50
C SER F 81 27.90 -8.65 1.57
N ARG F 82 27.12 -8.63 2.64
CA ARG F 82 27.38 -7.73 3.75
C ARG F 82 26.70 -8.28 4.99
N ASP F 83 27.12 -7.76 6.15
CA ASP F 83 26.44 -8.04 7.42
C ASP F 83 26.33 -6.70 8.13
N ASN F 84 25.10 -6.18 8.23
CA ASN F 84 24.89 -4.83 8.73
C ASN F 84 25.12 -4.71 10.23
N ALA F 85 25.04 -5.81 10.97
CA ALA F 85 25.25 -5.75 12.41
C ALA F 85 26.69 -5.37 12.74
N LYS F 86 27.65 -5.93 12.00
CA LYS F 86 29.07 -5.70 12.25
C LYS F 86 29.69 -4.65 11.34
N ASN F 87 28.90 -3.99 10.49
CA ASN F 87 29.39 -2.95 9.59
C ASN F 87 30.54 -3.46 8.72
N THR F 88 30.24 -4.45 7.89
CA THR F 88 31.24 -5.14 7.08
C THR F 88 30.73 -5.34 5.66
N LEU F 89 31.68 -5.55 4.76
CA LEU F 89 31.44 -5.77 3.34
C LEU F 89 32.33 -6.92 2.87
N TYR F 90 31.82 -7.72 1.94
CA TYR F 90 32.49 -8.94 1.52
C TYR F 90 32.77 -8.92 0.03
N LEU F 91 33.48 -9.95 -0.43
CA LEU F 91 33.70 -10.24 -1.85
C LEU F 91 34.38 -11.60 -1.95
N GLN F 92 33.93 -12.42 -2.89
CA GLN F 92 34.40 -13.81 -3.02
C GLN F 92 34.70 -14.12 -4.48
N MET F 93 35.95 -13.90 -4.88
CA MET F 93 36.38 -14.18 -6.25
C MET F 93 36.67 -15.67 -6.40
N ASN F 94 36.10 -16.28 -7.44
CA ASN F 94 36.29 -17.69 -7.74
C ASN F 94 36.75 -17.84 -9.18
N SER F 95 37.68 -18.78 -9.41
CA SER F 95 38.18 -19.09 -10.75
C SER F 95 38.82 -17.86 -11.39
N LEU F 96 39.91 -17.40 -10.77
CA LEU F 96 40.51 -16.12 -11.15
C LEU F 96 41.30 -16.24 -12.45
N ARG F 97 41.65 -15.08 -12.98
CA ARG F 97 42.35 -14.88 -14.25
C ARG F 97 43.42 -13.83 -14.06
N PRO F 98 44.41 -13.76 -14.96
CA PRO F 98 45.40 -12.68 -14.89
C PRO F 98 44.81 -11.29 -15.02
N GLU F 99 43.61 -11.15 -15.60
CA GLU F 99 42.99 -9.83 -15.71
C GLU F 99 42.61 -9.24 -14.37
N ASP F 100 42.38 -10.07 -13.36
CA ASP F 100 42.01 -9.61 -12.03
C ASP F 100 43.22 -9.39 -11.15
N THR F 101 44.17 -8.60 -11.64
CA THR F 101 45.41 -8.30 -10.91
C THR F 101 45.44 -6.79 -10.70
N ALA F 102 45.06 -6.33 -9.52
CA ALA F 102 44.90 -4.90 -9.29
C ALA F 102 44.66 -4.66 -7.80
N VAL F 103 44.45 -3.39 -7.45
CA VAL F 103 44.17 -2.99 -6.08
C VAL F 103 42.67 -2.78 -5.93
N TYR F 104 42.09 -3.34 -4.87
CA TYR F 104 40.64 -3.32 -4.68
C TYR F 104 40.28 -2.47 -3.47
N TYR F 105 39.30 -1.58 -3.65
CA TYR F 105 38.83 -0.71 -2.60
C TYR F 105 37.34 -0.92 -2.39
N CYS F 106 36.88 -0.62 -1.17
CA CYS F 106 35.46 -0.51 -0.87
C CYS F 106 35.12 0.97 -0.71
N ALA F 107 34.07 1.41 -1.39
CA ALA F 107 33.72 2.82 -1.44
C ALA F 107 32.21 2.97 -1.41
N ARG F 108 31.76 4.21 -1.21
CA ARG F 108 30.35 4.52 -1.25
C ARG F 108 29.86 4.92 -2.63
N SER F 109 30.77 5.07 -3.60
CA SER F 109 30.42 5.44 -4.96
C SER F 109 31.12 4.51 -5.94
N PRO F 110 30.48 4.17 -7.05
CA PRO F 110 31.12 3.24 -8.01
C PRO F 110 32.35 3.81 -8.67
N SER F 111 32.50 5.13 -8.69
CA SER F 111 33.66 5.78 -9.28
C SER F 111 34.79 5.99 -8.29
N GLY F 112 34.63 5.53 -7.05
CA GLY F 112 35.65 5.75 -6.05
C GLY F 112 35.37 6.95 -5.18
N PHE F 113 35.10 6.72 -3.90
CA PHE F 113 34.88 7.79 -2.95
C PHE F 113 35.02 7.21 -1.55
N ASN F 114 35.89 7.81 -0.75
CA ASN F 114 36.17 7.35 0.62
C ASN F 114 36.73 5.93 0.62
N ARG F 115 37.88 5.77 -0.02
CA ARG F 115 38.63 4.52 -0.01
C ARG F 115 39.88 4.76 0.84
N GLY F 116 39.75 4.53 2.14
CA GLY F 116 40.84 4.86 3.04
C GLY F 116 42.10 4.06 2.74
N GLN F 117 41.95 2.76 2.51
CA GLN F 117 43.10 1.89 2.29
C GLN F 117 42.94 1.12 0.99
N GLY F 118 43.81 0.15 0.76
CA GLY F 118 43.71 -0.70 -0.42
C GLY F 118 44.39 -2.02 -0.17
N THR F 119 44.11 -2.97 -1.04
CA THR F 119 44.74 -4.29 -0.97
C THR F 119 44.97 -4.81 -2.38
N LEU F 120 46.14 -5.40 -2.61
CA LEU F 120 46.56 -5.85 -3.92
C LEU F 120 46.27 -7.33 -4.09
N VAL F 121 45.63 -7.69 -5.21
CA VAL F 121 45.40 -9.07 -5.57
C VAL F 121 46.11 -9.32 -6.89
N THR F 122 47.01 -10.30 -6.90
CA THR F 122 47.78 -10.69 -8.06
C THR F 122 47.48 -12.13 -8.41
N VAL F 123 47.31 -12.39 -9.70
CA VAL F 123 47.06 -13.74 -10.21
C VAL F 123 48.24 -14.09 -11.09
N SER F 124 49.26 -14.72 -10.50
CA SER F 124 50.46 -15.09 -11.22
C SER F 124 50.33 -16.51 -11.73
N SER F 125 50.61 -16.69 -13.02
CA SER F 125 50.47 -18.00 -13.65
C SER F 125 51.80 -18.73 -13.71
#